data_3WRA
#
_entry.id   3WRA
#
_cell.length_a   57.372
_cell.length_b   64.857
_cell.length_c   117.656
_cell.angle_alpha   90.00
_cell.angle_beta   96.24
_cell.angle_gamma   90.00
#
_symmetry.space_group_name_H-M   'P 1 21 1'
#
loop_
_entity.id
_entity.type
_entity.pdbx_description
1 polymer 'Gallate dioxygenase'
2 non-polymer 'FE (II) ION'
3 water water
#
_entity_poly.entity_id   1
_entity_poly.type   'polypeptide(L)'
_entity_poly.pdbx_seq_one_letter_code
;MAKIIGGFAVSHTPTIAFAHDANKYDDPVWAPIFQGFEPVKQWLAEQKPDVTFYVYNDHMTSFFEHYSHFALGVGEEYSP
ADEGGGQRDLPPIKGDPELAKHIAECLVADEFDLAYWQGMGLDHGAFSPLSVLLPHEHGWPCRIVPLQCGVLQHPIPKAR
RFWNFGRSLRRAIQSYPRDIKVAIAGTGGLSHQVHGERAGFNNTEWDMEFMERLANDPESLLGATVTDLAKKGGWEGAEV
VMWLLMRGALSPEVKTLHQSYFLPSMTAIATMLFEDQGDAAPPAESDEALRARAKRELAGVEEIEGTYPFTIDRAVKGFR
INHFLHRLIEPDFRKRFVEDPEGLFAESDLTEEEKSLIRNRDWIGMIHYGVIFFMLEKMAAVLGIGNIDVYAAFRGLSVP
EFQKTRNAAITYSVAGKQ
;
_entity_poly.pdbx_strand_id   A,B
#
# COMPACT_ATOMS: atom_id res chain seq x y z
N ALA A 2 1.83 -3.28 27.66
CA ALA A 2 3.04 -2.58 27.15
C ALA A 2 4.33 -3.38 27.37
N LYS A 3 4.19 -4.66 27.75
CA LYS A 3 5.37 -5.50 27.93
C LYS A 3 5.54 -6.53 26.81
N ILE A 4 6.74 -6.64 26.27
CA ILE A 4 7.02 -7.63 25.23
C ILE A 4 7.62 -8.84 25.93
N ILE A 5 7.01 -9.99 25.77
CA ILE A 5 7.48 -11.15 26.54
C ILE A 5 8.54 -11.97 25.80
N GLY A 6 8.52 -11.90 24.47
CA GLY A 6 9.41 -12.73 23.69
C GLY A 6 8.92 -12.85 22.27
N GLY A 7 9.58 -13.70 21.49
CA GLY A 7 9.23 -13.81 20.09
C GLY A 7 9.42 -15.21 19.58
N PHE A 8 8.71 -15.54 18.51
CA PHE A 8 8.89 -16.83 17.88
C PHE A 8 8.95 -16.73 16.37
N ALA A 9 9.83 -17.55 15.82
CA ALA A 9 10.03 -17.64 14.40
C ALA A 9 9.55 -19.00 14.00
N VAL A 10 8.81 -19.05 12.91
CA VAL A 10 8.34 -20.30 12.39
C VAL A 10 8.06 -20.18 10.91
N SER A 11 8.40 -21.24 10.17
CA SER A 11 8.13 -21.35 8.73
C SER A 11 6.63 -21.24 8.52
N HIS A 12 6.18 -20.85 7.32
CA HIS A 12 4.72 -20.75 7.13
C HIS A 12 4.12 -21.47 5.93
N THR A 13 4.86 -22.44 5.37
CA THR A 13 4.39 -23.32 4.27
C THR A 13 2.96 -23.79 4.46
N PRO A 14 2.17 -23.86 3.35
CA PRO A 14 0.86 -24.53 3.32
C PRO A 14 0.87 -25.98 3.86
N THR A 15 2.05 -26.65 3.80
CA THR A 15 2.18 -28.08 4.16
C THR A 15 1.99 -28.38 5.64
N ILE A 16 2.41 -27.45 6.49
CA ILE A 16 2.13 -27.47 7.92
C ILE A 16 0.62 -27.62 8.15
N ALA A 17 -0.17 -26.70 7.59
CA ALA A 17 -1.63 -26.75 7.63
C ALA A 17 -2.21 -28.05 7.06
N PHE A 18 -1.67 -28.52 5.92
CA PHE A 18 -2.16 -29.77 5.33
C PHE A 18 -1.97 -30.92 6.31
N ALA A 19 -0.76 -31.04 6.84
CA ALA A 19 -0.39 -32.06 7.82
C ALA A 19 -1.20 -31.98 9.13
N HIS A 20 -1.58 -30.77 9.52
CA HIS A 20 -2.44 -30.60 10.69
C HIS A 20 -3.83 -31.14 10.34
N ASP A 21 -4.37 -30.71 9.19
CA ASP A 21 -5.72 -31.05 8.73
C ASP A 21 -5.93 -32.52 8.38
N ALA A 22 -4.89 -33.17 7.86
CA ALA A 22 -4.92 -34.59 7.55
C ALA A 22 -4.63 -35.44 8.80
N ASN A 23 -4.49 -34.75 9.94
CA ASN A 23 -4.26 -35.36 11.25
C ASN A 23 -2.98 -36.21 11.35
N LYS A 24 -1.95 -35.79 10.63
CA LYS A 24 -0.68 -36.54 10.52
C LYS A 24 0.23 -36.41 11.77
N TYR A 25 -0.39 -36.27 12.94
CA TYR A 25 0.37 -36.17 14.19
C TYR A 25 1.08 -37.47 14.58
N ASP A 26 0.48 -38.61 14.20
CA ASP A 26 1.06 -39.93 14.46
C ASP A 26 2.11 -40.34 13.43
N ASP A 27 1.95 -39.85 12.21
CA ASP A 27 2.85 -40.07 11.07
C ASP A 27 4.34 -40.24 11.42
N PRO A 28 5.02 -41.23 10.79
CA PRO A 28 6.46 -41.41 10.98
C PRO A 28 7.35 -40.21 10.59
N VAL A 29 6.95 -39.43 9.57
CA VAL A 29 7.74 -38.27 9.13
C VAL A 29 7.30 -36.96 9.81
N TRP A 30 6.00 -36.80 10.01
CA TRP A 30 5.42 -35.59 10.61
C TRP A 30 5.37 -35.51 12.15
N ALA A 31 5.52 -36.65 12.82
CA ALA A 31 5.51 -36.68 14.29
C ALA A 31 6.65 -35.89 14.96
N PRO A 32 7.90 -36.06 14.48
CA PRO A 32 8.96 -35.25 15.12
C PRO A 32 8.90 -33.79 14.68
N ILE A 33 8.21 -33.53 13.56
CA ILE A 33 8.00 -32.16 13.07
C ILE A 33 7.04 -31.40 13.98
N PHE A 34 5.88 -31.99 14.23
CA PHE A 34 4.87 -31.39 15.13
C PHE A 34 5.40 -31.24 16.55
N GLN A 35 6.16 -32.22 17.01
CA GLN A 35 6.87 -32.15 18.28
C GLN A 35 7.79 -30.92 18.36
N GLY A 36 8.48 -30.61 17.26
CA GLY A 36 9.27 -29.36 17.13
C GLY A 36 8.51 -28.07 17.43
N PHE A 37 7.19 -28.10 17.28
CA PHE A 37 6.33 -26.92 17.53
C PHE A 37 5.85 -26.84 18.97
N GLU A 38 5.94 -27.95 19.70
CA GLU A 38 5.33 -28.05 21.03
C GLU A 38 5.83 -27.04 22.06
N PRO A 39 7.15 -26.78 22.10
CA PRO A 39 7.59 -25.79 23.09
C PRO A 39 7.01 -24.38 22.85
N VAL A 40 6.86 -23.99 21.59
CA VAL A 40 6.27 -22.69 21.29
C VAL A 40 4.81 -22.64 21.76
N LYS A 41 4.08 -23.67 21.37
CA LYS A 41 2.71 -23.91 21.78
C LYS A 41 2.60 -23.88 23.31
N GLN A 42 3.49 -24.61 23.98
CA GLN A 42 3.54 -24.61 25.45
C GLN A 42 3.85 -23.21 25.98
N TRP A 43 4.91 -22.60 25.46
CA TRP A 43 5.25 -21.24 25.84
C TRP A 43 4.06 -20.29 25.68
N LEU A 44 3.34 -20.39 24.57
CA LEU A 44 2.21 -19.49 24.31
C LEU A 44 1.06 -19.69 25.27
N ALA A 45 0.78 -20.95 25.63
CA ALA A 45 -0.31 -21.28 26.58
C ALA A 45 0.01 -20.75 27.97
N GLU A 46 1.24 -20.95 28.41
CA GLU A 46 1.71 -20.53 29.75
C GLU A 46 1.75 -19.03 29.91
N GLN A 47 2.28 -18.35 28.91
CA GLN A 47 2.54 -16.91 29.00
C GLN A 47 1.30 -16.09 28.75
N LYS A 48 0.40 -16.64 27.93
CA LYS A 48 -0.85 -15.97 27.56
C LYS A 48 -0.69 -14.50 27.11
N PRO A 49 0.02 -14.27 25.99
CA PRO A 49 0.03 -12.92 25.44
C PRO A 49 -1.39 -12.45 25.13
N ASP A 50 -1.68 -11.18 25.41
CA ASP A 50 -2.92 -10.54 24.98
C ASP A 50 -2.97 -10.37 23.45
N VAL A 51 -1.83 -9.94 22.88
CA VAL A 51 -1.72 -9.70 21.46
C VAL A 51 -0.47 -10.42 20.94
N THR A 52 -0.56 -11.03 19.76
CA THR A 52 0.61 -11.39 18.95
C THR A 52 0.75 -10.44 17.74
N PHE A 53 1.88 -9.75 17.67
CA PHE A 53 2.21 -8.96 16.49
C PHE A 53 2.83 -9.92 15.48
N TYR A 54 2.11 -10.14 14.39
CA TYR A 54 2.40 -11.26 13.53
C TYR A 54 2.86 -10.81 12.15
N VAL A 55 4.10 -11.17 11.81
CA VAL A 55 4.79 -10.73 10.58
C VAL A 55 4.80 -11.87 9.58
N TYR A 56 4.24 -11.62 8.40
CA TYR A 56 4.13 -12.64 7.37
C TYR A 56 4.11 -11.99 6.00
N ASN A 57 4.13 -12.82 4.95
CA ASN A 57 3.80 -12.30 3.62
C ASN A 57 2.62 -13.04 3.04
N ASP A 58 1.81 -12.31 2.29
CA ASP A 58 0.63 -12.82 1.62
C ASP A 58 1.16 -13.42 0.32
N HIS A 59 0.63 -14.56 -0.11
CA HIS A 59 1.20 -15.21 -1.27
C HIS A 59 0.41 -14.92 -2.55
N MET A 60 0.34 -13.62 -2.84
CA MET A 60 -0.40 -13.08 -3.99
C MET A 60 -1.87 -13.42 -3.96
N THR A 61 -2.47 -13.26 -2.79
CA THR A 61 -3.88 -13.54 -2.61
C THR A 61 -4.59 -12.23 -2.31
N SER A 62 -4.39 -11.67 -1.12
CA SER A 62 -5.05 -10.42 -0.76
C SER A 62 -4.23 -9.22 -1.22
N PHE A 63 -2.98 -9.46 -1.63
CA PHE A 63 -2.10 -8.37 -2.06
C PHE A 63 -1.52 -8.71 -3.43
N PHE A 64 -1.99 -8.01 -4.46
CA PHE A 64 -1.54 -8.24 -5.84
C PHE A 64 -1.43 -6.95 -6.68
N GLU A 65 -2.57 -6.43 -7.10
CA GLU A 65 -2.64 -5.27 -7.99
C GLU A 65 -2.14 -4.01 -7.29
N HIS A 66 -2.25 -3.99 -5.94
CA HIS A 66 -1.73 -2.89 -5.09
C HIS A 66 -0.92 -3.58 -3.99
N TYR A 67 0.39 -3.47 -4.11
CA TYR A 67 1.31 -4.34 -3.40
C TYR A 67 2.28 -3.47 -2.62
N SER A 68 2.13 -3.48 -1.29
CA SER A 68 2.90 -2.59 -0.41
C SER A 68 4.02 -3.27 0.37
N HIS A 69 5.02 -2.50 0.78
CA HIS A 69 6.12 -3.05 1.58
C HIS A 69 5.72 -3.45 3.00
N PHE A 70 5.14 -2.53 3.75
CA PHE A 70 4.76 -2.77 5.14
C PHE A 70 3.27 -2.50 5.36
N ALA A 71 2.44 -3.54 5.29
CA ALA A 71 0.99 -3.37 5.40
C ALA A 71 0.41 -3.78 6.78
N LEU A 72 0.17 -2.78 7.60
CA LEU A 72 -0.36 -2.99 8.94
C LEU A 72 -1.88 -3.27 8.88
N GLY A 73 -2.29 -4.44 9.35
CA GLY A 73 -3.71 -4.76 9.54
C GLY A 73 -4.26 -4.01 10.75
N VAL A 74 -5.21 -3.11 10.53
CA VAL A 74 -5.73 -2.29 11.63
C VAL A 74 -7.14 -2.69 12.09
N GLY A 75 -7.69 -3.72 11.46
CA GLY A 75 -9.11 -4.04 11.57
C GLY A 75 -9.50 -4.85 12.79
N GLU A 76 -10.82 -5.02 12.93
CA GLU A 76 -11.38 -5.71 14.10
C GLU A 76 -11.19 -7.23 14.12
N GLU A 77 -11.08 -7.86 12.95
CA GLU A 77 -10.94 -9.31 12.87
C GLU A 77 -10.56 -9.76 11.47
N TYR A 78 -10.01 -10.96 11.37
CA TYR A 78 -9.55 -11.50 10.09
C TYR A 78 -10.02 -12.94 9.97
N SER A 79 -10.53 -13.28 8.77
CA SER A 79 -10.97 -14.65 8.46
C SER A 79 -9.97 -15.26 7.49
N PRO A 80 -9.90 -16.61 7.40
CA PRO A 80 -8.92 -17.15 6.48
C PRO A 80 -9.27 -16.81 5.00
N ALA A 81 -8.28 -16.35 4.23
CA ALA A 81 -8.50 -15.96 2.82
C ALA A 81 -8.78 -17.18 1.93
N ASP A 82 -9.65 -17.02 0.93
CA ASP A 82 -9.81 -18.04 -0.10
C ASP A 82 -8.62 -17.91 -1.04
N GLU A 83 -7.80 -18.95 -1.12
CA GLU A 83 -6.57 -18.91 -1.91
C GLU A 83 -6.69 -19.73 -3.18
N GLY A 84 -7.92 -20.09 -3.56
CA GLY A 84 -8.15 -20.89 -4.75
C GLY A 84 -8.84 -22.23 -4.49
N GLY A 85 -8.97 -22.61 -3.22
CA GLY A 85 -9.61 -23.87 -2.86
C GLY A 85 -10.67 -23.72 -1.78
N GLY A 86 -11.36 -22.58 -1.75
CA GLY A 86 -12.40 -22.32 -0.74
C GLY A 86 -11.76 -21.87 0.56
N GLN A 87 -12.59 -21.47 1.53
CA GLN A 87 -12.09 -20.88 2.78
C GLN A 87 -11.88 -21.93 3.85
N ARG A 88 -10.67 -22.01 4.41
CA ARG A 88 -10.39 -23.00 5.47
C ARG A 88 -11.34 -22.83 6.67
N ASP A 89 -11.85 -23.93 7.21
CA ASP A 89 -12.79 -23.83 8.35
C ASP A 89 -12.05 -23.58 9.65
N LEU A 90 -11.77 -22.30 9.93
CA LEU A 90 -11.13 -21.87 11.17
C LEU A 90 -11.92 -20.65 11.60
N PRO A 91 -12.02 -20.41 12.92
CA PRO A 91 -12.76 -19.23 13.33
C PRO A 91 -11.92 -17.96 13.04
N PRO A 92 -12.60 -16.79 12.95
CA PRO A 92 -11.85 -15.57 12.69
C PRO A 92 -11.05 -15.23 13.93
N ILE A 93 -9.89 -14.61 13.74
CA ILE A 93 -9.04 -14.16 14.84
C ILE A 93 -9.24 -12.66 15.00
N LYS A 94 -9.41 -12.20 16.24
CA LYS A 94 -9.64 -10.79 16.50
C LYS A 94 -8.36 -9.99 16.28
N GLY A 95 -8.50 -8.76 15.77
CA GLY A 95 -7.36 -7.86 15.65
C GLY A 95 -7.27 -6.94 16.86
N ASP A 96 -6.35 -5.98 16.84
CA ASP A 96 -6.28 -4.92 17.85
C ASP A 96 -6.14 -3.51 17.24
N PRO A 97 -7.30 -2.90 16.82
CA PRO A 97 -7.26 -1.58 16.19
C PRO A 97 -6.57 -0.54 17.05
N GLU A 98 -6.72 -0.64 18.38
CA GLU A 98 -6.11 0.36 19.27
C GLU A 98 -4.61 0.20 19.33
N LEU A 99 -4.12 -1.00 19.57
CA LEU A 99 -2.67 -1.18 19.50
C LEU A 99 -2.14 -0.80 18.11
N ALA A 100 -2.85 -1.21 17.05
CA ALA A 100 -2.38 -1.00 15.67
C ALA A 100 -2.18 0.47 15.39
N LYS A 101 -3.13 1.28 15.89
CA LYS A 101 -3.11 2.71 15.68
C LYS A 101 -1.96 3.36 16.45
N HIS A 102 -1.79 2.99 17.72
CA HIS A 102 -0.56 3.36 18.47
C HIS A 102 0.69 3.00 17.71
N ILE A 103 0.76 1.79 17.16
CA ILE A 103 1.94 1.41 16.40
C ILE A 103 2.17 2.28 15.15
N ALA A 104 1.09 2.56 14.40
CA ALA A 104 1.16 3.39 13.21
C ALA A 104 1.72 4.77 13.55
N GLU A 105 1.21 5.38 14.63
CA GLU A 105 1.64 6.70 15.04
C GLU A 105 3.13 6.74 15.36
N CYS A 106 3.60 5.74 16.12
CA CYS A 106 5.02 5.68 16.46
C CYS A 106 5.88 5.46 15.24
N LEU A 107 5.45 4.59 14.34
CA LEU A 107 6.27 4.23 13.18
C LEU A 107 6.37 5.36 12.14
N VAL A 108 5.28 6.09 11.96
CA VAL A 108 5.28 7.29 11.12
C VAL A 108 6.18 8.39 11.71
N ALA A 109 6.10 8.57 13.03
CA ALA A 109 6.95 9.55 13.72
C ALA A 109 8.42 9.20 13.50
N ASP A 110 8.72 7.92 13.33
CA ASP A 110 10.06 7.44 13.06
C ASP A 110 10.32 7.30 11.57
N GLU A 111 9.42 7.88 10.75
CA GLU A 111 9.58 8.00 9.30
C GLU A 111 9.66 6.66 8.55
N PHE A 112 8.77 5.75 8.94
CA PHE A 112 8.53 4.54 8.17
C PHE A 112 7.24 4.81 7.40
N ASP A 113 7.14 4.28 6.19
CA ASP A 113 5.98 4.59 5.37
C ASP A 113 5.10 3.35 5.26
N LEU A 114 3.85 3.49 5.71
CA LEU A 114 2.97 2.35 5.95
C LEU A 114 1.82 2.26 4.98
N ALA A 115 1.17 1.10 4.96
CA ALA A 115 -0.17 0.97 4.44
C ALA A 115 -1.05 0.41 5.57
N TYR A 116 -2.33 0.74 5.52
CA TYR A 116 -3.32 0.22 6.47
C TYR A 116 -4.37 -0.57 5.74
N TRP A 117 -4.79 -1.69 6.32
CA TRP A 117 -5.83 -2.46 5.68
C TRP A 117 -6.73 -3.16 6.68
N GLN A 118 -7.94 -3.43 6.22
CA GLN A 118 -9.00 -4.11 6.97
C GLN A 118 -9.80 -4.96 5.99
N GLY A 119 -10.44 -6.00 6.52
CA GLY A 119 -11.51 -6.73 5.82
C GLY A 119 -11.02 -7.80 4.87
N MET A 120 -9.73 -7.82 4.58
CA MET A 120 -9.21 -8.77 3.61
C MET A 120 -8.84 -10.06 4.34
N GLY A 121 -8.81 -11.18 3.64
CA GLY A 121 -8.50 -12.43 4.31
C GLY A 121 -7.01 -12.49 4.60
N LEU A 122 -6.65 -13.18 5.69
CA LEU A 122 -5.28 -13.54 6.01
C LEU A 122 -5.03 -14.89 5.35
N ASP A 123 -3.96 -15.03 4.60
CA ASP A 123 -3.75 -16.30 3.91
C ASP A 123 -2.96 -17.29 4.80
N HIS A 124 -2.49 -18.39 4.22
CA HIS A 124 -1.76 -19.42 4.95
C HIS A 124 -0.48 -18.91 5.63
N GLY A 125 -0.06 -17.68 5.30
CA GLY A 125 1.13 -17.12 5.93
C GLY A 125 0.89 -16.95 7.42
N ALA A 126 -0.38 -16.71 7.75
CA ALA A 126 -0.82 -16.54 9.13
C ALA A 126 -1.48 -17.80 9.66
N PHE A 127 -2.53 -18.25 9.00
CA PHE A 127 -3.28 -19.39 9.49
C PHE A 127 -2.63 -20.76 9.47
N SER A 128 -1.55 -20.94 8.73
CA SER A 128 -0.92 -22.24 8.74
C SER A 128 -0.14 -22.45 10.04
N PRO A 129 0.85 -21.59 10.34
CA PRO A 129 1.48 -21.80 11.64
C PRO A 129 0.55 -21.56 12.84
N LEU A 130 -0.34 -20.58 12.77
CA LEU A 130 -1.17 -20.24 13.91
C LEU A 130 -2.12 -21.35 14.30
N SER A 131 -2.57 -22.13 13.31
CA SER A 131 -3.47 -23.24 13.55
C SER A 131 -2.77 -24.32 14.38
N VAL A 132 -1.47 -24.44 14.18
CA VAL A 132 -0.68 -25.46 14.87
C VAL A 132 -0.16 -24.97 16.23
N LEU A 133 -0.08 -23.65 16.44
CA LEU A 133 0.48 -23.12 17.67
C LEU A 133 -0.57 -22.69 18.69
N LEU A 134 -1.80 -22.59 18.25
CA LEU A 134 -2.86 -22.08 19.11
C LEU A 134 -4.15 -22.88 18.93
N PRO A 135 -4.73 -23.33 20.06
CA PRO A 135 -6.06 -23.95 20.07
C PRO A 135 -7.11 -22.96 19.60
N HIS A 136 -8.02 -23.41 18.76
CA HIS A 136 -8.96 -22.52 18.08
C HIS A 136 -10.29 -23.25 17.85
N GLU A 137 -10.71 -24.03 18.85
CA GLU A 137 -11.95 -24.79 18.74
C GLU A 137 -13.08 -23.80 18.42
N HIS A 138 -13.21 -22.74 19.22
CA HIS A 138 -14.22 -21.71 18.96
C HIS A 138 -13.67 -20.31 18.71
N GLY A 139 -12.53 -20.01 19.29
CA GLY A 139 -11.94 -18.67 19.19
C GLY A 139 -10.46 -18.90 19.28
N TRP A 140 -9.69 -17.82 19.33
CA TRP A 140 -8.24 -17.95 19.48
C TRP A 140 -7.86 -17.38 20.84
N PRO A 141 -6.73 -17.82 21.39
CA PRO A 141 -6.42 -17.35 22.75
C PRO A 141 -5.86 -15.92 22.80
N CYS A 142 -5.35 -15.40 21.68
CA CYS A 142 -4.89 -14.01 21.67
C CYS A 142 -5.49 -13.16 20.54
N ARG A 143 -5.44 -11.83 20.67
CA ARG A 143 -5.65 -10.94 19.51
C ARG A 143 -4.46 -10.95 18.54
N ILE A 144 -4.63 -10.35 17.35
CA ILE A 144 -3.51 -10.30 16.39
C ILE A 144 -3.38 -8.91 15.79
N VAL A 145 -2.15 -8.43 15.61
CA VAL A 145 -1.93 -7.28 14.75
C VAL A 145 -1.07 -7.80 13.58
N PRO A 146 -1.66 -7.96 12.36
CA PRO A 146 -0.85 -8.54 11.30
C PRO A 146 -0.01 -7.48 10.59
N LEU A 147 1.19 -7.88 10.16
CA LEU A 147 2.03 -6.98 9.37
C LEU A 147 2.44 -7.78 8.15
N GLN A 148 1.82 -7.43 7.03
CA GLN A 148 2.08 -8.12 5.77
C GLN A 148 3.22 -7.37 5.10
N CYS A 149 4.24 -8.13 4.74
CA CYS A 149 5.45 -7.57 4.17
C CYS A 149 5.53 -7.96 2.73
N GLY A 150 5.66 -6.96 1.85
CA GLY A 150 5.76 -7.19 0.43
C GLY A 150 7.15 -7.64 0.01
N VAL A 151 7.42 -8.93 0.16
CA VAL A 151 8.77 -9.47 -0.02
C VAL A 151 8.96 -10.09 -1.39
N LEU A 152 7.88 -10.12 -2.18
CA LEU A 152 7.86 -10.83 -3.45
C LEU A 152 8.15 -10.02 -4.74
N GLN A 153 7.82 -8.71 -4.74
CA GLN A 153 8.01 -7.86 -5.92
C GLN A 153 9.15 -6.87 -5.72
N HIS A 154 10.18 -6.99 -6.53
CA HIS A 154 11.39 -6.18 -6.32
C HIS A 154 11.34 -4.87 -7.08
N PRO A 155 11.93 -3.80 -6.50
CA PRO A 155 12.65 -3.81 -5.21
C PRO A 155 11.79 -3.90 -3.91
N ILE A 156 12.35 -4.54 -2.89
CA ILE A 156 11.77 -4.59 -1.54
C ILE A 156 12.68 -3.85 -0.54
N PRO A 157 12.19 -3.52 0.66
CA PRO A 157 13.13 -2.83 1.53
C PRO A 157 14.34 -3.73 1.84
N LYS A 158 15.46 -3.13 2.22
CA LYS A 158 16.63 -3.93 2.47
C LYS A 158 16.63 -4.44 3.91
N ALA A 159 17.52 -5.39 4.19
CA ALA A 159 17.55 -6.10 5.46
C ALA A 159 17.56 -5.14 6.62
N ARG A 160 18.42 -4.13 6.52
CA ARG A 160 18.58 -3.16 7.59
C ARG A 160 17.29 -2.40 7.86
N ARG A 161 16.50 -2.18 6.80
CA ARG A 161 15.21 -1.46 6.92
C ARG A 161 14.22 -2.30 7.72
N PHE A 162 14.11 -3.58 7.33
CA PHE A 162 13.33 -4.57 8.09
C PHE A 162 13.78 -4.58 9.54
N TRP A 163 15.09 -4.64 9.75
CA TRP A 163 15.64 -4.57 11.12
C TRP A 163 15.24 -3.27 11.81
N ASN A 164 15.45 -2.14 11.14
CA ASN A 164 15.13 -0.86 11.78
C ASN A 164 13.64 -0.72 12.07
N PHE A 165 12.82 -1.33 11.23
CA PHE A 165 11.37 -1.34 11.49
C PHE A 165 11.13 -1.95 12.89
N GLY A 166 11.73 -3.11 13.13
CA GLY A 166 11.57 -3.84 14.40
C GLY A 166 12.04 -3.05 15.60
N ARG A 167 13.20 -2.41 15.47
CA ARG A 167 13.73 -1.54 16.53
C ARG A 167 12.73 -0.47 16.88
N SER A 168 12.14 0.14 15.85
CA SER A 168 11.11 1.12 16.06
C SER A 168 9.89 0.48 16.69
N LEU A 169 9.56 -0.71 16.22
CA LEU A 169 8.36 -1.44 16.67
C LEU A 169 8.43 -1.79 18.15
N ARG A 170 9.62 -2.19 18.58
CA ARG A 170 9.88 -2.42 20.00
C ARG A 170 9.43 -1.25 20.88
N ARG A 171 9.93 -0.06 20.58
CA ARG A 171 9.60 1.12 21.36
C ARG A 171 8.10 1.47 21.24
N ALA A 172 7.59 1.35 20.02
CA ALA A 172 6.16 1.49 19.74
C ALA A 172 5.32 0.68 20.73
N ILE A 173 5.51 -0.62 20.75
CA ILE A 173 4.80 -1.55 21.68
C ILE A 173 4.99 -1.18 23.16
N GLN A 174 6.23 -0.88 23.57
CA GLN A 174 6.53 -0.59 24.98
C GLN A 174 5.89 0.69 25.45
N SER A 175 5.78 1.67 24.54
CA SER A 175 5.13 2.93 24.88
C SER A 175 3.60 2.83 24.85
N TYR A 176 3.04 1.73 24.35
CA TYR A 176 1.57 1.55 24.37
C TYR A 176 1.06 1.66 25.82
N PRO A 177 0.17 2.62 26.11
CA PRO A 177 -0.20 2.81 27.50
C PRO A 177 -1.20 1.81 28.12
N ARG A 178 -1.23 0.56 27.66
CA ARG A 178 -1.99 -0.49 28.38
C ARG A 178 -1.03 -1.53 28.95
N ASP A 179 -1.41 -2.09 30.09
CA ASP A 179 -0.57 -3.03 30.76
C ASP A 179 -0.96 -4.41 30.20
N ILE A 180 -0.60 -4.63 28.94
CA ILE A 180 -0.85 -5.92 28.29
C ILE A 180 0.47 -6.59 27.91
N LYS A 181 0.40 -7.88 27.63
CA LYS A 181 1.57 -8.65 27.20
C LYS A 181 1.52 -8.91 25.70
N VAL A 182 2.64 -8.69 25.02
CA VAL A 182 2.70 -8.87 23.57
C VAL A 182 3.80 -9.82 23.15
N ALA A 183 3.45 -10.78 22.32
CA ALA A 183 4.46 -11.60 21.64
C ALA A 183 4.65 -11.11 20.21
N ILE A 184 5.88 -11.24 19.72
CA ILE A 184 6.17 -10.89 18.34
C ILE A 184 6.53 -12.16 17.56
N ALA A 185 5.84 -12.36 16.44
CA ALA A 185 6.06 -13.52 15.57
C ALA A 185 6.69 -13.16 14.21
N GLY A 186 7.61 -13.99 13.76
CA GLY A 186 8.30 -13.80 12.50
C GLY A 186 8.12 -15.08 11.73
N THR A 187 7.56 -15.02 10.54
CA THR A 187 7.25 -16.24 9.81
C THR A 187 7.86 -16.37 8.41
N GLY A 188 7.65 -17.51 7.77
CA GLY A 188 8.29 -17.83 6.51
C GLY A 188 9.67 -18.40 6.77
N GLY A 189 10.38 -18.69 5.69
CA GLY A 189 11.69 -19.32 5.75
C GLY A 189 11.54 -20.82 5.96
N LEU A 190 12.65 -21.57 5.94
CA LEU A 190 13.99 -21.01 5.68
C LEU A 190 14.39 -21.28 4.24
N SER A 191 15.56 -21.89 4.01
CA SER A 191 16.02 -22.14 2.65
C SER A 191 14.92 -22.79 1.82
N HIS A 192 14.67 -22.22 0.64
CA HIS A 192 13.84 -22.83 -0.40
C HIS A 192 13.76 -21.99 -1.67
N GLN A 193 13.46 -22.65 -2.76
CA GLN A 193 13.16 -21.99 -4.03
C GLN A 193 12.11 -22.82 -4.74
N VAL A 194 11.03 -22.16 -5.17
CA VAL A 194 9.85 -22.87 -5.67
C VAL A 194 9.50 -22.57 -7.12
N HIS A 195 10.34 -21.78 -7.80
CA HIS A 195 10.12 -21.46 -9.20
C HIS A 195 11.37 -21.68 -10.03
N GLY A 196 11.17 -21.95 -11.31
CA GLY A 196 12.27 -22.00 -12.29
C GLY A 196 13.08 -23.28 -12.18
N GLU A 197 14.15 -23.37 -12.97
CA GLU A 197 15.00 -24.55 -13.04
C GLU A 197 15.79 -24.81 -11.75
N ARG A 198 15.99 -23.77 -10.94
CA ARG A 198 16.67 -23.93 -9.65
C ARG A 198 15.71 -24.44 -8.56
N ALA A 199 14.43 -24.66 -8.91
CA ALA A 199 13.39 -25.07 -7.92
C ALA A 199 13.73 -26.39 -7.20
N GLY A 200 13.71 -26.36 -5.88
CA GLY A 200 14.06 -27.54 -5.11
C GLY A 200 15.34 -27.29 -4.36
N PHE A 201 15.90 -26.09 -4.52
CA PHE A 201 17.14 -25.71 -3.82
C PHE A 201 16.95 -25.62 -2.31
N ASN A 202 17.97 -26.06 -1.57
CA ASN A 202 18.04 -25.95 -0.12
C ASN A 202 19.47 -25.78 0.39
N ASN A 203 19.60 -25.22 1.58
CA ASN A 203 20.91 -25.02 2.18
C ASN A 203 20.90 -25.09 3.70
N THR A 204 20.87 -26.32 4.22
CA THR A 204 20.82 -26.58 5.67
C THR A 204 21.91 -25.83 6.45
N GLU A 205 23.11 -25.81 5.88
CA GLU A 205 24.28 -25.16 6.48
C GLU A 205 24.08 -23.65 6.59
N TRP A 206 23.52 -23.03 5.56
CA TRP A 206 23.14 -21.62 5.68
C TRP A 206 21.99 -21.45 6.69
N ASP A 207 21.04 -22.40 6.68
CA ASP A 207 19.91 -22.35 7.60
C ASP A 207 20.37 -22.36 9.04
N MET A 208 21.30 -23.27 9.38
CA MET A 208 21.81 -23.35 10.76
C MET A 208 22.54 -22.09 11.15
N GLU A 209 23.38 -21.61 10.24
CA GLU A 209 24.16 -20.39 10.48
C GLU A 209 23.21 -19.21 10.67
N PHE A 210 22.23 -19.13 9.77
CA PHE A 210 21.23 -18.08 9.84
C PHE A 210 20.54 -18.07 11.20
N MET A 211 20.18 -19.26 11.67
CA MET A 211 19.50 -19.37 12.97
C MET A 211 20.39 -18.92 14.13
N GLU A 212 21.68 -19.27 14.09
CA GLU A 212 22.63 -18.86 15.13
C GLU A 212 22.82 -17.34 15.17
N ARG A 213 23.10 -16.78 14.01
CA ARG A 213 23.33 -15.34 13.87
C ARG A 213 22.07 -14.55 14.27
N LEU A 214 20.89 -14.97 13.82
CA LEU A 214 19.65 -14.26 14.17
C LEU A 214 19.44 -14.29 15.67
N ALA A 215 19.75 -15.44 16.27
CA ALA A 215 19.63 -15.61 17.71
C ALA A 215 20.60 -14.71 18.50
N ASN A 216 21.88 -14.73 18.15
CA ASN A 216 22.94 -14.19 19.02
C ASN A 216 23.79 -13.02 18.49
N ASP A 217 23.83 -12.87 17.17
CA ASP A 217 24.53 -11.76 16.54
C ASP A 217 23.74 -11.28 15.29
N PRO A 218 22.52 -10.73 15.51
CA PRO A 218 21.66 -10.36 14.39
C PRO A 218 22.24 -9.21 13.55
N GLU A 219 22.97 -8.31 14.20
CA GLU A 219 23.61 -7.21 13.48
C GLU A 219 24.55 -7.64 12.34
N SER A 220 25.12 -8.83 12.43
CA SER A 220 26.03 -9.35 11.40
C SER A 220 25.32 -9.76 10.12
N LEU A 221 23.99 -9.80 10.18
CA LEU A 221 23.18 -10.10 8.99
C LEU A 221 22.77 -8.86 8.20
N LEU A 222 22.77 -7.70 8.84
CA LEU A 222 22.14 -6.50 8.31
C LEU A 222 22.71 -5.93 7.00
N GLY A 223 23.87 -6.46 6.60
CA GLY A 223 24.52 -6.03 5.38
C GLY A 223 24.25 -6.95 4.19
N ALA A 224 23.55 -8.05 4.45
CA ALA A 224 23.22 -8.98 3.37
C ALA A 224 22.30 -8.33 2.35
N THR A 225 22.55 -8.64 1.08
CA THR A 225 21.73 -8.17 -0.02
C THR A 225 20.77 -9.27 -0.50
N VAL A 226 19.76 -8.88 -1.25
CA VAL A 226 18.85 -9.85 -1.86
C VAL A 226 19.62 -10.95 -2.62
N THR A 227 20.61 -10.55 -3.41
CA THR A 227 21.41 -11.50 -4.20
C THR A 227 22.12 -12.51 -3.27
N ASP A 228 22.67 -12.01 -2.17
CA ASP A 228 23.30 -12.86 -1.15
C ASP A 228 22.31 -13.88 -0.57
N LEU A 229 21.18 -13.38 -0.05
CA LEU A 229 20.19 -14.23 0.61
C LEU A 229 19.60 -15.23 -0.32
N ALA A 230 19.39 -14.85 -1.57
CA ALA A 230 18.85 -15.76 -2.56
C ALA A 230 19.89 -16.79 -3.04
N LYS A 231 21.16 -16.40 -3.02
CA LYS A 231 22.24 -17.32 -3.38
C LYS A 231 22.29 -18.41 -2.32
N LYS A 232 22.43 -17.98 -1.07
CA LYS A 232 22.47 -18.87 0.08
C LYS A 232 21.17 -19.65 0.34
N GLY A 233 20.03 -18.96 0.43
CA GLY A 233 18.78 -19.60 0.87
C GLY A 233 17.69 -19.85 -0.16
N GLY A 234 18.02 -19.78 -1.45
CA GLY A 234 17.00 -19.90 -2.50
C GLY A 234 16.24 -18.60 -2.73
N TRP A 235 15.49 -18.51 -3.83
CA TRP A 235 14.81 -17.26 -4.16
C TRP A 235 13.79 -16.82 -3.09
N GLU A 236 12.81 -17.69 -2.83
CA GLU A 236 11.74 -17.39 -1.88
C GLU A 236 12.26 -17.49 -0.45
N GLY A 237 13.38 -18.18 -0.27
CA GLY A 237 14.05 -18.29 1.00
C GLY A 237 14.51 -16.96 1.55
N ALA A 238 14.69 -15.98 0.65
CA ALA A 238 15.08 -14.61 1.00
C ALA A 238 14.06 -13.88 1.88
N GLU A 239 12.89 -14.48 2.07
CA GLU A 239 11.84 -13.90 2.91
C GLU A 239 12.23 -13.90 4.39
N VAL A 240 13.39 -14.47 4.73
CA VAL A 240 13.87 -14.47 6.12
C VAL A 240 14.12 -13.08 6.67
N VAL A 241 14.13 -12.08 5.80
CA VAL A 241 14.20 -10.68 6.24
C VAL A 241 13.14 -10.38 7.24
N MET A 242 11.99 -11.05 7.11
CA MET A 242 10.90 -10.94 8.06
C MET A 242 11.27 -11.39 9.47
N TRP A 243 12.07 -12.44 9.59
CA TRP A 243 12.60 -12.87 10.89
C TRP A 243 13.45 -11.77 11.52
N LEU A 244 14.22 -11.08 10.67
CA LEU A 244 15.04 -9.95 11.14
C LEU A 244 14.20 -8.83 11.72
N LEU A 245 13.03 -8.59 11.13
CA LEU A 245 12.16 -7.54 11.68
C LEU A 245 11.66 -7.98 13.08
N MET A 246 11.27 -9.24 13.21
CA MET A 246 10.85 -9.74 14.52
C MET A 246 12.01 -9.68 15.51
N ARG A 247 13.18 -10.15 15.10
CA ARG A 247 14.33 -10.23 15.99
C ARG A 247 14.64 -8.83 16.44
N GLY A 248 14.57 -7.90 15.49
CA GLY A 248 14.78 -6.50 15.77
C GLY A 248 13.87 -5.87 16.82
N ALA A 249 12.68 -6.43 17.04
CA ALA A 249 11.77 -5.89 18.08
C ALA A 249 12.02 -6.44 19.50
N LEU A 250 12.90 -7.43 19.61
CA LEU A 250 13.22 -8.08 20.88
C LEU A 250 14.38 -7.38 21.55
N SER A 251 14.60 -7.67 22.83
CA SER A 251 15.79 -7.19 23.54
C SER A 251 17.08 -7.51 22.74
N PRO A 252 18.10 -6.61 22.79
CA PRO A 252 19.37 -6.81 22.06
C PRO A 252 20.01 -8.17 22.36
N GLU A 253 19.92 -8.64 23.60
CA GLU A 253 20.23 -10.07 23.82
C GLU A 253 18.99 -10.89 24.14
N VAL A 254 18.90 -12.09 23.56
CA VAL A 254 17.79 -12.98 23.88
C VAL A 254 18.26 -14.35 24.40
N LYS A 255 17.40 -14.98 25.22
CA LYS A 255 17.55 -16.40 25.54
C LYS A 255 16.73 -17.28 24.56
N THR A 256 17.43 -18.20 23.91
CA THR A 256 16.86 -19.08 22.91
C THR A 256 16.30 -20.34 23.56
N LEU A 257 15.02 -20.28 23.93
CA LEU A 257 14.36 -21.31 24.73
C LEU A 257 14.07 -22.58 23.97
N HIS A 258 14.11 -22.51 22.64
CA HIS A 258 13.91 -23.67 21.77
C HIS A 258 14.21 -23.33 20.32
N GLN A 259 14.91 -24.23 19.63
CA GLN A 259 14.98 -24.20 18.18
C GLN A 259 14.83 -25.61 17.64
N SER A 260 14.30 -25.73 16.43
CA SER A 260 14.12 -27.04 15.76
C SER A 260 14.17 -26.85 14.26
N TYR A 261 14.59 -27.90 13.56
CA TYR A 261 14.80 -27.83 12.13
C TYR A 261 14.48 -29.16 11.48
N PHE A 262 13.67 -29.13 10.43
CA PHE A 262 13.30 -30.33 9.68
C PHE A 262 13.15 -30.00 8.21
N LEU A 263 13.67 -30.87 7.36
CA LEU A 263 13.62 -30.61 5.93
C LEU A 263 13.01 -31.79 5.19
N PRO A 264 11.71 -32.04 5.40
CA PRO A 264 11.07 -33.21 4.86
C PRO A 264 10.80 -33.12 3.37
N SER A 265 10.75 -31.90 2.83
CA SER A 265 10.23 -31.70 1.47
C SER A 265 10.89 -30.51 0.75
N MET A 266 10.10 -29.58 0.23
CA MET A 266 10.65 -28.39 -0.46
C MET A 266 11.23 -27.36 0.51
N THR A 267 10.60 -27.21 1.67
CA THR A 267 10.94 -26.13 2.59
C THR A 267 11.51 -26.58 3.93
N ALA A 268 12.58 -25.90 4.34
CA ALA A 268 13.15 -26.02 5.66
C ALA A 268 12.18 -25.50 6.70
N ILE A 269 11.61 -26.42 7.48
CA ILE A 269 10.72 -26.11 8.58
C ILE A 269 11.50 -25.90 9.86
N ALA A 270 11.53 -24.65 10.29
CA ALA A 270 12.32 -24.26 11.43
C ALA A 270 11.48 -23.50 12.40
N THR A 271 11.88 -23.56 13.66
CA THR A 271 11.29 -22.72 14.67
C THR A 271 12.33 -22.28 15.69
N MET A 272 12.10 -21.09 16.24
CA MET A 272 12.98 -20.50 17.22
C MET A 272 12.10 -19.78 18.23
N LEU A 273 12.41 -19.99 19.50
CA LEU A 273 11.62 -19.35 20.53
C LEU A 273 12.57 -18.48 21.32
N PHE A 274 12.21 -17.21 21.48
CA PHE A 274 13.03 -16.26 22.18
C PHE A 274 12.34 -15.62 23.35
N GLU A 275 13.05 -15.60 24.47
CA GLU A 275 12.58 -14.93 25.66
C GLU A 275 13.21 -13.54 25.69
N ASP A 276 12.35 -12.52 25.76
CA ASP A 276 12.80 -11.16 25.96
C ASP A 276 13.39 -10.99 27.37
N GLN A 277 14.41 -10.14 27.47
CA GLN A 277 15.16 -9.93 28.72
C GLN A 277 14.88 -8.59 29.41
N GLY A 278 14.03 -7.78 28.81
CA GLY A 278 13.88 -6.39 29.21
C GLY A 278 15.01 -5.58 28.59
N ASP A 279 15.14 -4.33 29.00
CA ASP A 279 16.22 -3.52 28.50
C ASP A 279 17.37 -3.47 29.51
N ALA A 280 18.56 -3.85 29.05
CA ALA A 280 19.77 -3.73 29.87
C ALA A 280 20.01 -2.30 30.37
N ALA A 281 19.41 -1.32 29.69
CA ALA A 281 19.60 0.11 29.99
C ALA A 281 18.34 0.83 29.56
N PRO A 282 18.05 2.01 30.17
CA PRO A 282 16.94 2.80 29.66
C PRO A 282 17.11 3.10 28.17
N PRO A 283 15.98 3.13 27.43
CA PRO A 283 16.05 3.48 26.03
C PRO A 283 16.38 4.95 25.87
N ALA A 284 16.91 5.31 24.68
CA ALA A 284 17.22 6.69 24.32
C ALA A 284 16.11 7.71 24.60
N GLU A 285 14.87 7.31 24.37
CA GLU A 285 13.73 8.19 24.58
C GLU A 285 12.72 7.52 25.51
N SER A 286 12.21 8.26 26.48
CA SER A 286 11.26 7.68 27.44
C SER A 286 9.90 7.34 26.83
N ASP A 287 9.21 6.40 27.48
CA ASP A 287 7.88 5.99 27.04
C ASP A 287 6.99 7.21 26.93
N GLU A 288 7.17 8.16 27.83
CA GLU A 288 6.30 9.31 27.96
C GLU A 288 6.60 10.27 26.84
N ALA A 289 7.87 10.38 26.47
CA ALA A 289 8.27 11.36 25.49
C ALA A 289 7.94 10.81 24.10
N LEU A 290 8.01 9.49 23.94
CA LEU A 290 7.65 8.86 22.66
C LEU A 290 6.14 9.02 22.42
N ARG A 291 5.36 8.87 23.47
CA ARG A 291 3.94 9.05 23.37
C ARG A 291 3.62 10.46 22.91
N ALA A 292 4.15 11.48 23.61
CA ALA A 292 3.94 12.89 23.21
C ALA A 292 4.42 13.18 21.76
N ARG A 293 5.52 12.57 21.35
CA ARG A 293 6.01 12.67 19.98
C ARG A 293 5.10 11.99 18.90
N ALA A 294 4.62 10.77 19.18
CA ALA A 294 3.69 10.08 18.28
C ALA A 294 2.41 10.87 18.09
N LYS A 295 2.07 11.66 19.12
CA LYS A 295 0.90 12.52 19.13
C LYS A 295 1.12 13.89 18.54
N ARG A 296 2.37 14.22 18.27
CA ARG A 296 2.74 15.58 17.85
C ARG A 296 2.03 16.12 16.59
N GLU A 297 1.92 15.27 15.57
CA GLU A 297 1.26 15.64 14.32
C GLU A 297 -0.17 16.14 14.52
N LEU A 298 -0.93 15.46 15.37
CA LEU A 298 -2.32 15.83 15.60
C LEU A 298 -2.55 16.49 16.96
N ALA A 299 -1.49 16.92 17.64
CA ALA A 299 -1.69 17.59 18.95
C ALA A 299 -2.53 18.85 18.78
N GLY A 300 -3.51 19.03 19.66
CA GLY A 300 -4.35 20.22 19.59
C GLY A 300 -5.31 20.19 18.40
N VAL A 301 -5.51 19.03 17.79
CA VAL A 301 -6.47 18.96 16.68
C VAL A 301 -7.90 19.10 17.19
N GLU A 302 -8.11 18.74 18.46
CA GLU A 302 -9.44 18.80 19.04
C GLU A 302 -9.97 20.23 19.15
N GLU A 303 -9.09 21.23 19.06
CA GLU A 303 -9.53 22.64 19.17
C GLU A 303 -10.16 23.13 17.86
N ILE A 304 -9.92 22.39 16.78
CA ILE A 304 -10.59 22.70 15.52
C ILE A 304 -12.03 22.19 15.57
N GLU A 305 -12.99 23.11 15.68
CA GLU A 305 -14.38 22.74 15.81
C GLU A 305 -14.93 22.23 14.46
N GLY A 306 -16.01 21.47 14.48
CA GLY A 306 -16.69 21.04 13.24
C GLY A 306 -15.85 20.16 12.31
N THR A 307 -14.90 19.43 12.88
CA THR A 307 -13.87 18.65 12.15
C THR A 307 -13.75 17.26 12.78
N TYR A 308 -13.64 16.22 11.96
CA TYR A 308 -13.63 14.85 12.46
C TYR A 308 -12.51 14.11 11.74
N PRO A 309 -11.28 14.29 12.21
CA PRO A 309 -10.12 13.72 11.52
C PRO A 309 -10.34 12.23 11.26
N PHE A 310 -10.10 11.78 10.04
CA PHE A 310 -10.24 10.36 9.72
C PHE A 310 -8.99 9.57 10.13
N THR A 311 -8.88 9.32 11.42
CA THR A 311 -7.78 8.55 12.02
C THR A 311 -8.19 7.08 12.01
N ILE A 312 -7.23 6.18 12.24
CA ILE A 312 -7.48 4.74 12.20
C ILE A 312 -8.71 4.27 12.98
N ASP A 313 -8.84 4.70 14.24
CA ASP A 313 -10.00 4.35 15.04
C ASP A 313 -11.31 4.65 14.30
N ARG A 314 -11.39 5.82 13.67
CA ARG A 314 -12.55 6.21 12.87
C ARG A 314 -12.74 5.34 11.62
N ALA A 315 -11.63 4.94 10.98
CA ALA A 315 -11.70 4.07 9.83
C ALA A 315 -12.24 2.71 10.22
N VAL A 316 -11.82 2.21 11.40
CA VAL A 316 -12.30 0.93 11.88
C VAL A 316 -13.76 0.99 12.30
N LYS A 317 -14.14 2.05 13.01
CA LYS A 317 -15.51 2.24 13.41
C LYS A 317 -16.45 2.38 12.20
N GLY A 318 -16.08 3.21 11.22
CA GLY A 318 -16.90 3.40 10.04
C GLY A 318 -16.65 2.40 8.90
N PHE A 319 -15.94 1.32 9.16
CA PHE A 319 -15.53 0.42 8.05
C PHE A 319 -16.71 -0.23 7.27
N ARG A 320 -17.65 -0.84 7.98
CA ARG A 320 -18.79 -1.48 7.32
C ARG A 320 -19.53 -0.49 6.42
N ILE A 321 -19.89 0.67 6.98
CA ILE A 321 -20.67 1.63 6.23
C ILE A 321 -19.82 2.22 5.10
N ASN A 322 -18.53 2.49 5.36
CA ASN A 322 -17.67 3.04 4.28
C ASN A 322 -17.44 2.03 3.16
N HIS A 323 -17.30 0.76 3.52
CA HIS A 323 -17.12 -0.31 2.54
C HIS A 323 -18.37 -0.45 1.64
N PHE A 324 -19.53 -0.41 2.26
CA PHE A 324 -20.83 -0.43 1.56
C PHE A 324 -20.97 0.72 0.53
N LEU A 325 -20.76 1.97 0.96
CA LEU A 325 -20.92 3.10 0.07
C LEU A 325 -19.82 3.16 -0.99
N HIS A 326 -18.67 2.59 -0.67
CA HIS A 326 -17.56 2.53 -1.61
C HIS A 326 -17.95 1.69 -2.83
N ARG A 327 -18.79 0.68 -2.62
CA ARG A 327 -19.28 -0.16 -3.71
C ARG A 327 -20.20 0.53 -4.74
N LEU A 328 -20.68 1.73 -4.44
CA LEU A 328 -21.35 2.60 -5.43
C LEU A 328 -20.55 2.89 -6.70
N ILE A 329 -19.24 2.63 -6.66
CA ILE A 329 -18.40 2.75 -7.87
C ILE A 329 -18.65 1.57 -8.83
N GLU A 330 -19.43 0.59 -8.39
CA GLU A 330 -19.85 -0.54 -9.23
C GLU A 330 -21.22 -0.24 -9.86
N PRO A 331 -21.28 -0.24 -11.21
CA PRO A 331 -22.55 0.02 -11.89
C PRO A 331 -23.73 -0.81 -11.36
N ASP A 332 -23.56 -2.11 -11.14
CA ASP A 332 -24.71 -2.93 -10.72
C ASP A 332 -25.13 -2.54 -9.32
N PHE A 333 -24.14 -2.39 -8.43
CA PHE A 333 -24.42 -2.07 -7.05
C PHE A 333 -25.16 -0.72 -6.95
N ARG A 334 -24.72 0.28 -7.68
CA ARG A 334 -25.35 1.59 -7.56
C ARG A 334 -26.76 1.64 -8.17
N LYS A 335 -26.96 0.87 -9.25
CA LYS A 335 -28.28 0.69 -9.85
C LYS A 335 -29.19 0.16 -8.76
N ARG A 336 -28.79 -0.93 -8.10
CA ARG A 336 -29.55 -1.49 -6.98
C ARG A 336 -29.74 -0.51 -5.82
N PHE A 337 -28.77 0.36 -5.58
CA PHE A 337 -28.88 1.29 -4.46
C PHE A 337 -30.07 2.24 -4.66
N VAL A 338 -30.32 2.61 -5.91
CA VAL A 338 -31.37 3.58 -6.25
C VAL A 338 -32.73 2.90 -6.38
N GLU A 339 -32.74 1.73 -6.98
CA GLU A 339 -34.00 1.04 -7.38
C GLU A 339 -34.57 0.10 -6.30
N ASP A 340 -33.67 -0.56 -5.58
CA ASP A 340 -34.03 -1.58 -4.61
C ASP A 340 -33.14 -1.49 -3.36
N PRO A 341 -33.14 -0.33 -2.66
CA PRO A 341 -32.17 -0.17 -1.57
C PRO A 341 -32.39 -1.13 -0.40
N GLU A 342 -33.65 -1.42 -0.09
CA GLU A 342 -33.99 -2.28 1.03
C GLU A 342 -33.51 -3.72 0.86
N GLY A 343 -33.59 -4.24 -0.37
CA GLY A 343 -33.01 -5.55 -0.71
C GLY A 343 -31.49 -5.59 -0.58
N LEU A 344 -30.84 -4.47 -0.92
CA LEU A 344 -29.41 -4.34 -0.73
C LEU A 344 -29.03 -4.25 0.75
N PHE A 345 -29.86 -3.59 1.56
CA PHE A 345 -29.63 -3.52 3.00
C PHE A 345 -29.75 -4.89 3.65
N ALA A 346 -30.75 -5.65 3.21
CA ALA A 346 -31.10 -6.91 3.87
C ALA A 346 -30.03 -7.96 3.58
N GLU A 347 -29.33 -7.82 2.45
CA GLU A 347 -28.21 -8.71 2.18
C GLU A 347 -26.94 -8.28 2.91
N SER A 348 -26.89 -7.02 3.34
CA SER A 348 -25.66 -6.43 3.87
C SER A 348 -25.36 -6.82 5.31
N ASP A 349 -24.18 -6.43 5.77
CA ASP A 349 -23.84 -6.63 7.16
C ASP A 349 -23.96 -5.33 7.98
N LEU A 350 -24.72 -4.36 7.48
CA LEU A 350 -24.91 -3.06 8.15
C LEU A 350 -25.74 -3.21 9.43
N THR A 351 -25.46 -2.40 10.45
CA THR A 351 -26.34 -2.35 11.63
C THR A 351 -27.62 -1.60 11.24
N GLU A 352 -28.67 -1.76 12.03
CA GLU A 352 -29.92 -1.03 11.78
C GLU A 352 -29.67 0.47 11.82
N GLU A 353 -28.74 0.86 12.66
CA GLU A 353 -28.38 2.26 12.82
C GLU A 353 -27.66 2.79 11.58
N GLU A 354 -26.75 1.99 11.03
CA GLU A 354 -26.09 2.36 9.77
C GLU A 354 -27.12 2.45 8.62
N LYS A 355 -28.04 1.48 8.55
CA LYS A 355 -29.05 1.52 7.48
C LYS A 355 -29.85 2.79 7.61
N SER A 356 -30.14 3.14 8.86
CA SER A 356 -30.99 4.29 9.19
C SER A 356 -30.35 5.61 8.74
N LEU A 357 -29.06 5.77 9.02
CA LEU A 357 -28.26 6.92 8.55
C LEU A 357 -28.35 7.07 7.05
N ILE A 358 -28.21 5.96 6.32
CA ILE A 358 -28.34 6.02 4.86
C ILE A 358 -29.74 6.37 4.37
N ARG A 359 -30.75 5.67 4.90
CA ARG A 359 -32.14 5.94 4.52
C ARG A 359 -32.59 7.37 4.76
N ASN A 360 -32.12 7.98 5.84
CA ASN A 360 -32.51 9.37 6.17
C ASN A 360 -31.66 10.42 5.50
N ARG A 361 -30.69 9.99 4.67
CA ARG A 361 -29.72 10.91 4.05
C ARG A 361 -29.17 11.86 5.13
N ASP A 362 -28.79 11.31 6.28
CA ASP A 362 -28.34 12.12 7.41
C ASP A 362 -26.87 12.44 7.22
N TRP A 363 -26.62 13.48 6.44
CA TRP A 363 -25.25 13.76 6.03
C TRP A 363 -24.36 14.04 7.22
N ILE A 364 -24.74 15.00 8.08
CA ILE A 364 -23.89 15.31 9.23
C ILE A 364 -23.78 14.09 10.16
N GLY A 365 -24.88 13.36 10.30
CA GLY A 365 -24.89 12.22 11.18
C GLY A 365 -23.94 11.15 10.72
N MET A 366 -23.79 11.02 9.40
CA MET A 366 -22.81 10.08 8.84
C MET A 366 -21.39 10.55 9.10
N ILE A 367 -21.15 11.85 8.93
CA ILE A 367 -19.86 12.43 9.32
C ILE A 367 -19.53 12.13 10.78
N HIS A 368 -20.52 12.34 11.66
CA HIS A 368 -20.31 12.09 13.10
C HIS A 368 -19.99 10.62 13.40
N TYR A 369 -20.68 9.75 12.69
CA TYR A 369 -20.57 8.32 12.93
C TYR A 369 -19.24 7.76 12.48
N GLY A 370 -18.61 8.40 11.51
CA GLY A 370 -17.33 7.91 10.99
C GLY A 370 -17.33 7.60 9.51
N VAL A 371 -18.36 8.05 8.78
CA VAL A 371 -18.36 7.92 7.32
C VAL A 371 -17.39 8.97 6.79
N ILE A 372 -16.44 8.58 5.92
CA ILE A 372 -15.53 9.62 5.38
C ILE A 372 -16.30 10.39 4.30
N PHE A 373 -16.07 11.68 4.17
CA PHE A 373 -16.79 12.51 3.25
C PHE A 373 -16.86 11.96 1.82
N PHE A 374 -15.75 11.44 1.32
CA PHE A 374 -15.74 10.95 -0.07
C PHE A 374 -16.71 9.80 -0.36
N MET A 375 -17.08 9.04 0.66
CA MET A 375 -18.07 7.99 0.47
C MET A 375 -19.46 8.57 0.43
N LEU A 376 -19.68 9.59 1.26
CA LEU A 376 -20.97 10.32 1.27
C LEU A 376 -21.20 11.00 -0.04
N GLU A 377 -20.11 11.51 -0.61
CA GLU A 377 -20.14 12.23 -1.88
C GLU A 377 -20.52 11.33 -3.06
N LYS A 378 -20.07 10.07 -3.03
CA LYS A 378 -20.55 9.05 -3.97
C LYS A 378 -22.05 8.81 -3.78
N MET A 379 -22.50 8.72 -2.53
CA MET A 379 -23.92 8.51 -2.26
C MET A 379 -24.76 9.67 -2.80
N ALA A 380 -24.33 10.90 -2.54
CA ALA A 380 -25.01 12.09 -3.05
C ALA A 380 -25.14 12.09 -4.59
N ALA A 381 -24.01 11.97 -5.29
CA ALA A 381 -24.00 11.90 -6.75
C ALA A 381 -24.96 10.82 -7.30
N VAL A 382 -24.93 9.63 -6.72
CA VAL A 382 -25.75 8.52 -7.16
C VAL A 382 -27.26 8.85 -7.04
N LEU A 383 -27.61 9.53 -5.94
CA LEU A 383 -28.97 10.01 -5.66
C LEU A 383 -29.38 11.31 -6.37
N GLY A 384 -28.51 11.85 -7.23
CA GLY A 384 -28.71 13.15 -7.86
C GLY A 384 -28.72 14.38 -6.94
N ILE A 385 -28.11 14.29 -5.75
CA ILE A 385 -28.11 15.43 -4.79
C ILE A 385 -26.79 16.21 -4.91
N GLY A 386 -26.84 17.50 -5.22
CA GLY A 386 -25.61 18.30 -5.36
C GLY A 386 -24.76 18.34 -4.08
N ASN A 387 -23.44 18.46 -4.23
CA ASN A 387 -22.56 18.61 -3.06
C ASN A 387 -23.00 19.80 -2.18
N ILE A 388 -23.49 20.85 -2.82
CA ILE A 388 -23.93 22.07 -2.16
C ILE A 388 -25.02 21.75 -1.13
N ASP A 389 -25.96 20.88 -1.49
CA ASP A 389 -26.95 20.42 -0.52
C ASP A 389 -26.31 19.77 0.72
N VAL A 390 -25.22 19.01 0.50
CA VAL A 390 -24.52 18.31 1.58
C VAL A 390 -23.83 19.32 2.50
N TYR A 391 -23.16 20.29 1.90
CA TYR A 391 -22.46 21.33 2.65
C TYR A 391 -23.45 22.16 3.46
N ALA A 392 -24.55 22.57 2.83
CA ALA A 392 -25.60 23.30 3.54
C ALA A 392 -26.14 22.47 4.70
N ALA A 393 -26.36 21.18 4.49
CA ALA A 393 -26.77 20.28 5.57
C ALA A 393 -25.75 20.37 6.71
N PHE A 394 -24.48 20.14 6.39
CA PHE A 394 -23.41 20.16 7.40
C PHE A 394 -23.52 21.46 8.19
N ARG A 395 -23.83 22.55 7.51
CA ARG A 395 -23.70 23.86 8.12
C ARG A 395 -24.97 24.27 8.83
N GLY A 396 -26.03 23.47 8.71
CA GLY A 396 -27.33 23.82 9.26
C GLY A 396 -27.94 25.01 8.53
N LEU A 397 -27.64 25.16 7.23
CA LEU A 397 -28.17 26.31 6.51
C LEU A 397 -29.04 25.86 5.33
N SER A 398 -29.87 26.79 4.85
CA SER A 398 -30.50 26.63 3.56
C SER A 398 -29.45 26.69 2.44
N VAL A 399 -29.78 26.06 1.32
CA VAL A 399 -28.86 26.03 0.19
C VAL A 399 -28.46 27.44 -0.25
N PRO A 400 -29.45 28.32 -0.52
CA PRO A 400 -29.03 29.67 -0.88
C PRO A 400 -28.17 30.34 0.20
N GLU A 401 -28.48 30.11 1.48
CA GLU A 401 -27.72 30.82 2.52
C GLU A 401 -26.31 30.24 2.58
N PHE A 402 -26.17 28.92 2.42
CA PHE A 402 -24.81 28.40 2.22
C PHE A 402 -24.15 29.00 1.00
N GLN A 403 -24.87 29.06 -0.11
CA GLN A 403 -24.31 29.61 -1.35
C GLN A 403 -23.84 31.05 -1.20
N LYS A 404 -24.56 31.82 -0.36
CA LYS A 404 -24.14 33.18 -0.01
C LYS A 404 -22.73 33.26 0.58
N THR A 405 -22.29 32.21 1.26
CA THR A 405 -20.95 32.18 1.89
C THR A 405 -19.85 31.99 0.87
N ARG A 406 -20.23 31.57 -0.34
CA ARG A 406 -19.32 31.44 -1.48
C ARG A 406 -19.07 32.79 -2.19
N ASN A 407 -18.21 32.77 -3.21
CA ASN A 407 -17.93 33.94 -4.02
C ASN A 407 -18.73 34.03 -5.33
N ALA A 408 -19.00 32.88 -5.94
CA ALA A 408 -19.65 32.85 -7.25
C ALA A 408 -20.66 31.69 -7.37
N ALA A 409 -21.71 31.93 -8.15
CA ALA A 409 -22.80 30.98 -8.30
C ALA A 409 -22.36 29.78 -9.15
N ALA B 2 16.20 11.88 -17.66
CA ALA B 2 17.32 12.53 -16.94
C ALA B 2 17.28 14.06 -16.79
N LYS B 3 16.50 14.79 -17.57
CA LYS B 3 16.40 16.23 -17.28
C LYS B 3 15.07 16.70 -16.67
N ILE B 4 15.16 17.34 -15.51
CA ILE B 4 13.96 17.92 -14.88
C ILE B 4 13.77 19.36 -15.37
N ILE B 5 12.73 19.60 -16.17
CA ILE B 5 12.54 20.92 -16.77
C ILE B 5 11.90 21.88 -15.79
N GLY B 6 11.15 21.34 -14.83
CA GLY B 6 10.38 22.14 -13.89
C GLY B 6 9.19 21.37 -13.37
N GLY B 7 8.34 22.07 -12.63
CA GLY B 7 7.14 21.49 -12.11
C GLY B 7 5.99 22.46 -12.10
N PHE B 8 4.78 21.91 -12.06
CA PHE B 8 3.63 22.75 -11.79
C PHE B 8 2.90 22.24 -10.57
N ALA B 9 2.25 23.18 -9.91
CA ALA B 9 1.38 22.91 -8.79
C ALA B 9 -0.02 23.35 -9.27
N VAL B 10 -1.04 22.54 -9.01
CA VAL B 10 -2.39 22.86 -9.48
C VAL B 10 -3.44 22.15 -8.63
N SER B 11 -4.55 22.83 -8.38
CA SER B 11 -5.65 22.28 -7.65
C SER B 11 -6.17 21.06 -8.42
N HIS B 12 -6.76 20.08 -7.72
CA HIS B 12 -7.31 18.95 -8.46
C HIS B 12 -8.80 18.60 -8.22
N THR B 13 -9.58 19.56 -7.69
CA THR B 13 -11.05 19.46 -7.60
C THR B 13 -11.65 18.89 -8.87
N PRO B 14 -12.66 17.99 -8.74
CA PRO B 14 -13.37 17.57 -9.95
C PRO B 14 -14.17 18.75 -10.59
N THR B 15 -14.45 19.83 -9.84
CA THR B 15 -15.18 20.97 -10.42
C THR B 15 -14.50 21.52 -11.70
N ILE B 16 -13.17 21.46 -11.74
CA ILE B 16 -12.41 21.82 -12.95
C ILE B 16 -12.81 21.00 -14.18
N ALA B 17 -12.86 19.67 -14.02
CA ALA B 17 -13.26 18.75 -15.06
C ALA B 17 -14.72 18.99 -15.43
N PHE B 18 -15.54 19.21 -14.42
CA PHE B 18 -16.96 19.46 -14.65
C PHE B 18 -17.15 20.71 -15.48
N ALA B 19 -16.42 21.78 -15.16
CA ALA B 19 -16.49 23.03 -15.94
C ALA B 19 -15.97 22.87 -17.35
N HIS B 20 -14.89 22.10 -17.51
CA HIS B 20 -14.30 21.84 -18.82
C HIS B 20 -15.22 20.98 -19.71
N ASP B 21 -15.82 19.97 -19.11
CA ASP B 21 -16.73 19.07 -19.81
C ASP B 21 -18.05 19.76 -20.17
N ALA B 22 -18.45 20.76 -19.40
CA ALA B 22 -19.72 21.46 -19.65
C ALA B 22 -19.58 22.67 -20.59
N ASN B 23 -18.36 22.93 -21.07
CA ASN B 23 -18.06 24.10 -21.92
C ASN B 23 -18.30 25.44 -21.23
N LYS B 24 -17.40 25.79 -20.31
CA LYS B 24 -17.50 27.06 -19.58
C LYS B 24 -16.30 27.99 -19.80
N TYR B 25 -15.55 27.76 -20.88
CA TYR B 25 -14.46 28.68 -21.27
C TYR B 25 -15.04 30.03 -21.60
N ASP B 26 -16.35 30.02 -21.79
CA ASP B 26 -17.20 31.16 -22.14
C ASP B 26 -17.74 31.93 -20.91
N ASP B 27 -17.99 31.20 -19.82
CA ASP B 27 -18.76 31.66 -18.66
C ASP B 27 -18.07 32.75 -17.80
N PRO B 28 -18.85 33.71 -17.25
CA PRO B 28 -18.34 34.81 -16.42
C PRO B 28 -17.44 34.37 -15.25
N VAL B 29 -17.80 33.27 -14.60
CA VAL B 29 -17.04 32.75 -13.47
C VAL B 29 -15.79 32.01 -13.95
N TRP B 30 -15.99 31.05 -14.85
CA TRP B 30 -14.93 30.13 -15.23
C TRP B 30 -13.93 30.62 -16.27
N ALA B 31 -14.28 31.66 -17.03
CA ALA B 31 -13.37 32.18 -18.06
C ALA B 31 -12.04 32.71 -17.51
N PRO B 32 -12.05 33.63 -16.51
CA PRO B 32 -10.80 33.99 -15.81
C PRO B 32 -10.07 32.76 -15.25
N ILE B 33 -10.80 31.78 -14.71
CA ILE B 33 -10.13 30.64 -14.09
C ILE B 33 -9.39 29.83 -15.16
N PHE B 34 -10.04 29.56 -16.29
CA PHE B 34 -9.35 28.87 -17.37
C PHE B 34 -8.14 29.64 -17.93
N GLN B 35 -8.26 30.97 -18.02
CA GLN B 35 -7.13 31.79 -18.48
C GLN B 35 -5.94 31.61 -17.53
N GLY B 36 -6.24 31.30 -16.27
CA GLY B 36 -5.23 31.03 -15.26
C GLY B 36 -4.40 29.78 -15.50
N PHE B 37 -4.96 28.82 -16.23
CA PHE B 37 -4.28 27.55 -16.53
C PHE B 37 -3.43 27.70 -17.77
N GLU B 38 -3.73 28.73 -18.55
CA GLU B 38 -3.13 28.87 -19.88
C GLU B 38 -1.59 28.95 -19.85
N PRO B 39 -1.00 29.70 -18.91
CA PRO B 39 0.47 29.70 -18.92
C PRO B 39 1.11 28.32 -18.69
N VAL B 40 0.46 27.49 -17.86
CA VAL B 40 0.96 26.13 -17.64
C VAL B 40 0.74 25.28 -18.91
N LYS B 41 -0.45 25.35 -19.46
CA LYS B 41 -0.77 24.63 -20.70
C LYS B 41 0.22 24.95 -21.83
N GLN B 42 0.52 26.23 -22.04
CA GLN B 42 1.42 26.62 -23.12
C GLN B 42 2.82 26.16 -22.82
N TRP B 43 3.21 26.23 -21.56
CA TRP B 43 4.52 25.83 -21.12
C TRP B 43 4.72 24.34 -21.38
N LEU B 44 3.69 23.54 -21.09
CA LEU B 44 3.82 22.10 -21.30
C LEU B 44 3.84 21.79 -22.78
N ALA B 45 3.06 22.55 -23.58
CA ALA B 45 2.99 22.33 -25.02
C ALA B 45 4.27 22.76 -25.74
N GLU B 46 4.95 23.78 -25.21
CA GLU B 46 6.21 24.29 -25.75
C GLU B 46 7.38 23.42 -25.32
N GLN B 47 7.41 23.04 -24.03
CA GLN B 47 8.56 22.32 -23.49
C GLN B 47 8.59 20.83 -23.84
N LYS B 48 7.43 20.28 -24.18
CA LYS B 48 7.27 18.88 -24.62
C LYS B 48 7.92 17.83 -23.67
N PRO B 49 7.42 17.73 -22.42
CA PRO B 49 7.97 16.66 -21.55
C PRO B 49 7.63 15.27 -22.10
N ASP B 50 8.60 14.37 -22.03
CA ASP B 50 8.36 12.96 -22.39
C ASP B 50 7.46 12.32 -21.33
N VAL B 51 7.68 12.71 -20.09
CA VAL B 51 6.99 12.10 -18.94
C VAL B 51 6.65 13.19 -17.93
N THR B 52 5.46 13.10 -17.34
CA THR B 52 5.19 13.86 -16.11
C THR B 52 5.17 12.91 -14.92
N PHE B 53 6.05 13.14 -13.93
CA PHE B 53 5.89 12.42 -12.65
C PHE B 53 4.74 13.10 -11.95
N TYR B 54 3.69 12.33 -11.65
CA TYR B 54 2.43 12.97 -11.28
C TYR B 54 1.97 12.70 -9.84
N VAL B 55 2.07 13.69 -8.96
CA VAL B 55 1.73 13.49 -7.56
C VAL B 55 0.28 13.92 -7.26
N TYR B 56 -0.54 12.95 -6.82
CA TYR B 56 -1.96 13.20 -6.49
C TYR B 56 -2.41 12.33 -5.31
N ASN B 57 -3.64 12.53 -4.82
CA ASN B 57 -4.27 11.52 -3.98
C ASN B 57 -5.56 11.04 -4.63
N ASP B 58 -5.87 9.76 -4.43
CA ASP B 58 -7.10 9.14 -4.86
C ASP B 58 -8.13 9.41 -3.78
N HIS B 59 -9.38 9.59 -4.19
CA HIS B 59 -10.42 10.05 -3.28
C HIS B 59 -11.38 8.94 -2.93
N MET B 60 -10.80 7.92 -2.29
CA MET B 60 -11.47 6.71 -1.86
C MET B 60 -12.19 6.05 -3.02
N THR B 61 -11.46 5.84 -4.10
CA THR B 61 -12.01 5.10 -5.22
C THR B 61 -11.19 3.82 -5.41
N SER B 62 -9.97 3.96 -5.91
CA SER B 62 -9.13 2.80 -6.18
C SER B 62 -8.31 2.43 -4.95
N PHE B 63 -8.25 3.36 -3.96
CA PHE B 63 -7.54 3.10 -2.70
C PHE B 63 -8.52 3.24 -1.52
N PHE B 64 -8.82 2.13 -0.83
CA PHE B 64 -9.74 2.18 0.31
C PHE B 64 -9.47 1.12 1.37
N GLU B 65 -9.76 -0.14 1.07
CA GLU B 65 -9.53 -1.23 2.02
C GLU B 65 -8.06 -1.48 2.26
N HIS B 66 -7.24 -1.10 1.29
CA HIS B 66 -5.81 -1.22 1.42
C HIS B 66 -5.22 0.11 0.97
N TYR B 67 -4.75 0.88 1.96
CA TYR B 67 -4.48 2.31 1.81
C TYR B 67 -3.01 2.58 2.14
N SER B 68 -2.23 3.00 1.15
CA SER B 68 -0.78 3.09 1.36
C SER B 68 -0.29 4.54 1.35
N HIS B 69 0.89 4.77 1.88
CA HIS B 69 1.42 6.12 1.92
C HIS B 69 1.96 6.65 0.58
N PHE B 70 2.82 5.89 -0.07
CA PHE B 70 3.36 6.31 -1.34
C PHE B 70 3.19 5.19 -2.34
N ALA B 71 2.14 5.30 -3.16
CA ALA B 71 1.78 4.25 -4.11
C ALA B 71 2.21 4.62 -5.51
N LEU B 72 3.24 3.94 -5.98
CA LEU B 72 3.85 4.25 -7.29
C LEU B 72 3.16 3.45 -8.38
N GLY B 73 2.63 4.15 -9.39
CA GLY B 73 1.96 3.50 -10.48
C GLY B 73 3.03 3.03 -11.46
N VAL B 74 3.17 1.72 -11.63
CA VAL B 74 4.27 1.17 -12.45
C VAL B 74 3.78 0.56 -13.76
N GLY B 75 2.48 0.70 -14.01
CA GLY B 75 1.84 0.00 -15.13
C GLY B 75 1.96 0.64 -16.51
N GLU B 76 1.42 -0.05 -17.52
CA GLU B 76 1.55 0.38 -18.90
C GLU B 76 0.66 1.56 -19.25
N GLU B 77 -0.58 1.54 -18.76
CA GLU B 77 -1.51 2.64 -19.05
C GLU B 77 -2.51 2.84 -17.94
N TYR B 78 -3.14 4.02 -17.91
CA TYR B 78 -4.22 4.34 -16.97
C TYR B 78 -5.41 4.98 -17.66
N SER B 79 -6.58 4.51 -17.29
CA SER B 79 -7.83 5.01 -17.82
C SER B 79 -8.63 5.65 -16.69
N PRO B 80 -9.59 6.55 -16.99
CA PRO B 80 -10.38 7.12 -15.89
C PRO B 80 -11.13 6.08 -15.05
N ALA B 81 -11.04 6.23 -13.73
CA ALA B 81 -11.82 5.39 -12.82
C ALA B 81 -13.27 5.83 -12.74
N ASP B 82 -14.13 4.84 -12.55
CA ASP B 82 -15.49 5.08 -12.20
C ASP B 82 -15.51 5.39 -10.70
N GLU B 83 -15.89 6.63 -10.39
CA GLU B 83 -15.95 7.16 -9.01
C GLU B 83 -17.38 7.09 -8.51
N GLY B 84 -18.22 6.45 -9.31
CA GLY B 84 -19.61 6.30 -8.92
C GLY B 84 -20.57 6.97 -9.90
N GLY B 85 -20.02 7.75 -10.84
CA GLY B 85 -20.81 8.41 -11.89
C GLY B 85 -20.41 7.98 -13.31
N GLY B 86 -19.86 6.78 -13.45
CA GLY B 86 -19.42 6.32 -14.78
C GLY B 86 -18.02 6.72 -15.11
N GLN B 87 -17.51 6.17 -16.22
CA GLN B 87 -16.15 6.40 -16.71
C GLN B 87 -16.07 7.59 -17.64
N ARG B 88 -15.43 8.67 -17.18
CA ARG B 88 -15.25 9.87 -17.99
C ARG B 88 -14.62 9.52 -19.36
N ASP B 89 -15.11 10.18 -20.40
CA ASP B 89 -14.66 9.88 -21.75
C ASP B 89 -13.33 10.56 -22.10
N LEU B 90 -12.23 9.93 -21.72
CA LEU B 90 -10.89 10.41 -22.06
C LEU B 90 -10.10 9.19 -22.50
N PRO B 91 -9.08 9.35 -23.35
CA PRO B 91 -8.32 8.15 -23.73
C PRO B 91 -7.39 7.75 -22.60
N PRO B 92 -6.98 6.45 -22.55
CA PRO B 92 -5.96 6.01 -21.62
C PRO B 92 -4.70 6.86 -21.79
N ILE B 93 -4.00 7.14 -20.69
CA ILE B 93 -2.73 7.82 -20.78
C ILE B 93 -1.68 6.78 -20.50
N LYS B 94 -0.54 6.88 -21.15
CA LYS B 94 0.49 5.86 -20.99
C LYS B 94 1.40 6.11 -19.78
N GLY B 95 1.71 5.03 -19.09
CA GLY B 95 2.68 5.09 -18.06
C GLY B 95 4.08 4.98 -18.60
N ASP B 96 5.03 4.86 -17.68
CA ASP B 96 6.40 4.60 -18.04
C ASP B 96 6.97 3.59 -17.04
N PRO B 97 6.86 2.29 -17.35
CA PRO B 97 7.33 1.26 -16.43
C PRO B 97 8.81 1.28 -16.19
N GLU B 98 9.59 1.72 -17.19
CA GLU B 98 11.04 1.74 -17.07
C GLU B 98 11.50 2.82 -16.13
N LEU B 99 10.90 4.00 -16.24
CA LEU B 99 11.27 5.10 -15.32
C LEU B 99 10.77 4.83 -13.89
N ALA B 100 9.57 4.27 -13.79
CA ALA B 100 8.97 3.85 -12.53
C ALA B 100 9.88 2.85 -11.80
N LYS B 101 10.35 1.86 -12.54
CA LYS B 101 11.27 0.83 -12.01
C LYS B 101 12.53 1.53 -11.46
N HIS B 102 13.17 2.35 -12.29
CA HIS B 102 14.33 3.11 -11.85
C HIS B 102 14.03 3.91 -10.58
N ILE B 103 12.94 4.67 -10.58
CA ILE B 103 12.58 5.48 -9.42
C ILE B 103 12.45 4.65 -8.12
N ALA B 104 11.79 3.51 -8.25
CA ALA B 104 11.58 2.62 -7.13
C ALA B 104 12.91 2.10 -6.55
N GLU B 105 13.79 1.62 -7.40
CA GLU B 105 15.12 1.18 -6.98
C GLU B 105 15.86 2.28 -6.22
N CYS B 106 15.76 3.52 -6.68
CA CYS B 106 16.49 4.61 -6.02
C CYS B 106 15.89 4.96 -4.67
N LEU B 107 14.58 5.15 -4.66
CA LEU B 107 13.88 5.52 -3.42
C LEU B 107 14.00 4.43 -2.33
N VAL B 108 13.91 3.16 -2.72
CA VAL B 108 14.14 2.05 -1.77
C VAL B 108 15.58 2.06 -1.21
N ALA B 109 16.57 2.29 -2.09
CA ALA B 109 17.96 2.46 -1.63
C ALA B 109 18.07 3.59 -0.62
N ASP B 110 17.17 4.57 -0.72
CA ASP B 110 17.15 5.74 0.16
C ASP B 110 16.21 5.55 1.33
N GLU B 111 15.74 4.31 1.48
CA GLU B 111 14.95 3.84 2.61
C GLU B 111 13.60 4.54 2.72
N PHE B 112 12.89 4.59 1.59
CA PHE B 112 11.48 4.98 1.58
C PHE B 112 10.75 3.70 1.30
N ASP B 113 9.61 3.51 1.95
CA ASP B 113 8.87 2.27 1.75
C ASP B 113 7.69 2.59 0.84
N LEU B 114 7.55 1.77 -0.20
CA LEU B 114 6.68 2.10 -1.31
C LEU B 114 5.57 1.10 -1.49
N ALA B 115 4.64 1.42 -2.35
CA ALA B 115 3.69 0.45 -2.83
C ALA B 115 3.75 0.50 -4.33
N TYR B 116 3.51 -0.62 -4.98
CA TYR B 116 3.45 -0.68 -6.45
C TYR B 116 2.05 -1.07 -6.89
N TRP B 117 1.50 -0.37 -7.87
CA TRP B 117 0.17 -0.70 -8.36
C TRP B 117 0.04 -0.56 -9.84
N GLN B 118 -0.77 -1.42 -10.46
CA GLN B 118 -1.08 -1.40 -11.91
C GLN B 118 -2.53 -1.66 -12.09
N GLY B 119 -3.13 -1.00 -13.08
CA GLY B 119 -4.35 -1.51 -13.67
C GLY B 119 -5.61 -0.91 -13.10
N MET B 120 -5.50 -0.26 -11.95
CA MET B 120 -6.66 0.37 -11.31
C MET B 120 -6.95 1.74 -11.91
N GLY B 121 -8.18 2.20 -11.88
CA GLY B 121 -8.47 3.52 -12.48
C GLY B 121 -7.71 4.71 -11.86
N LEU B 122 -7.33 5.69 -12.67
CA LEU B 122 -6.90 6.97 -12.12
C LEU B 122 -8.13 7.82 -11.89
N ASP B 123 -8.31 8.32 -10.67
CA ASP B 123 -9.51 9.08 -10.38
C ASP B 123 -9.33 10.55 -10.83
N HIS B 124 -10.24 11.44 -10.41
CA HIS B 124 -10.14 12.83 -10.85
C HIS B 124 -8.93 13.60 -10.32
N GLY B 125 -8.30 13.13 -9.24
CA GLY B 125 -7.03 13.73 -8.76
C GLY B 125 -5.99 13.85 -9.88
N ALA B 126 -6.07 12.95 -10.85
CA ALA B 126 -5.24 13.06 -12.04
C ALA B 126 -6.01 13.70 -13.20
N PHE B 127 -7.12 13.07 -13.62
CA PHE B 127 -7.79 13.48 -14.85
C PHE B 127 -8.46 14.84 -14.87
N SER B 128 -8.77 15.38 -13.71
CA SER B 128 -9.34 16.72 -13.66
C SER B 128 -8.37 17.79 -14.18
N PRO B 129 -7.28 18.08 -13.45
CA PRO B 129 -6.42 19.13 -14.00
C PRO B 129 -5.72 18.74 -15.33
N LEU B 130 -5.43 17.46 -15.52
CA LEU B 130 -4.70 17.03 -16.71
C LEU B 130 -5.49 17.34 -17.99
N SER B 131 -6.80 17.21 -17.89
CA SER B 131 -7.68 17.33 -19.05
C SER B 131 -7.84 18.79 -19.47
N VAL B 132 -7.51 19.71 -18.56
CA VAL B 132 -7.43 21.13 -18.85
C VAL B 132 -6.02 21.54 -19.27
N LEU B 133 -5.00 20.80 -18.85
CA LEU B 133 -3.63 21.25 -19.14
C LEU B 133 -3.02 20.61 -20.39
N LEU B 134 -3.64 19.56 -20.88
CA LEU B 134 -3.07 18.81 -22.00
C LEU B 134 -4.15 18.52 -23.01
N PRO B 135 -3.82 18.61 -24.32
CA PRO B 135 -4.72 18.13 -25.39
C PRO B 135 -4.86 16.62 -25.26
N HIS B 136 -6.05 16.10 -25.51
CA HIS B 136 -6.34 14.69 -25.22
C HIS B 136 -7.45 14.15 -26.11
N GLU B 137 -7.77 14.85 -27.19
CA GLU B 137 -8.78 14.39 -28.14
C GLU B 137 -8.57 12.93 -28.55
N HIS B 138 -7.33 12.61 -28.93
CA HIS B 138 -7.02 11.31 -29.53
C HIS B 138 -6.01 10.52 -28.68
N GLY B 139 -5.09 11.25 -28.07
CA GLY B 139 -4.25 10.72 -27.02
C GLY B 139 -3.59 11.85 -26.27
N TRP B 140 -2.78 11.52 -25.29
CA TRP B 140 -2.14 12.52 -24.45
C TRP B 140 -0.75 12.83 -25.00
N PRO B 141 -0.25 14.07 -24.81
CA PRO B 141 1.07 14.37 -25.36
C PRO B 141 2.26 13.71 -24.64
N CYS B 142 2.14 13.37 -23.36
CA CYS B 142 3.29 12.76 -22.64
C CYS B 142 2.89 11.53 -21.86
N ARG B 143 3.87 10.82 -21.31
CA ARG B 143 3.62 9.66 -20.48
C ARG B 143 3.49 10.14 -19.03
N ILE B 144 2.99 9.27 -18.17
CA ILE B 144 2.77 9.63 -16.78
C ILE B 144 3.36 8.55 -15.86
N VAL B 145 3.99 9.02 -14.79
CA VAL B 145 4.30 8.12 -13.68
C VAL B 145 3.53 8.66 -12.48
N PRO B 146 2.43 7.98 -12.10
CA PRO B 146 1.69 8.58 -10.99
C PRO B 146 2.16 8.11 -9.60
N LEU B 147 2.12 9.03 -8.67
CA LEU B 147 2.37 8.71 -7.33
C LEU B 147 1.13 9.13 -6.54
N GLN B 148 0.36 8.12 -6.14
CA GLN B 148 -0.79 8.29 -5.28
C GLN B 148 -0.28 8.38 -3.86
N CYS B 149 -0.60 9.47 -3.20
CA CYS B 149 -0.21 9.68 -1.81
C CYS B 149 -1.40 9.48 -0.88
N GLY B 150 -1.19 8.69 0.17
CA GLY B 150 -2.26 8.37 1.11
C GLY B 150 -2.45 9.43 2.17
N VAL B 151 -3.06 10.55 1.82
CA VAL B 151 -3.14 11.73 2.70
C VAL B 151 -4.44 11.79 3.52
N LEU B 152 -5.30 10.78 3.39
CA LEU B 152 -6.66 10.92 3.89
C LEU B 152 -6.93 10.13 5.18
N GLN B 153 -6.07 9.17 5.49
CA GLN B 153 -6.27 8.30 6.64
C GLN B 153 -5.08 8.44 7.57
N HIS B 154 -5.31 9.09 8.70
CA HIS B 154 -4.21 9.41 9.59
C HIS B 154 -3.90 8.25 10.54
N PRO B 155 -2.63 8.07 10.89
CA PRO B 155 -1.51 8.99 10.59
C PRO B 155 -0.93 8.86 9.17
N ILE B 156 -0.52 9.99 8.61
CA ILE B 156 0.05 10.05 7.27
C ILE B 156 1.50 10.53 7.44
N PRO B 157 2.34 10.43 6.39
CA PRO B 157 3.73 10.90 6.55
C PRO B 157 3.82 12.37 7.00
N LYS B 158 4.82 12.68 7.81
CA LYS B 158 5.07 14.04 8.24
C LYS B 158 5.38 14.91 7.02
N ALA B 159 5.16 16.21 7.13
CA ALA B 159 5.52 17.15 6.06
C ALA B 159 6.98 16.97 5.59
N ARG B 160 7.93 16.92 6.53
CA ARG B 160 9.35 16.74 6.15
C ARG B 160 9.58 15.46 5.38
N ARG B 161 8.77 14.45 5.65
CA ARG B 161 8.88 13.17 4.94
C ARG B 161 8.49 13.28 3.46
N PHE B 162 7.40 13.99 3.19
CA PHE B 162 7.02 14.38 1.82
C PHE B 162 8.16 15.12 1.10
N TRP B 163 8.63 16.20 1.74
CA TRP B 163 9.76 16.97 1.25
C TRP B 163 10.96 16.05 0.99
N ASN B 164 11.34 15.24 1.99
CA ASN B 164 12.47 14.32 1.81
C ASN B 164 12.27 13.37 0.66
N PHE B 165 11.06 12.81 0.52
CA PHE B 165 10.71 12.01 -0.68
C PHE B 165 11.03 12.76 -1.96
N GLY B 166 10.64 14.04 -2.01
CA GLY B 166 10.91 14.87 -3.18
C GLY B 166 12.39 14.97 -3.47
N ARG B 167 13.20 15.21 -2.43
CA ARG B 167 14.65 15.28 -2.56
C ARG B 167 15.27 14.03 -3.24
N SER B 168 14.88 12.83 -2.79
CA SER B 168 15.40 11.58 -3.37
C SER B 168 14.84 11.35 -4.74
N LEU B 169 13.58 11.70 -4.93
CA LEU B 169 12.97 11.62 -6.27
C LEU B 169 13.79 12.42 -7.31
N ARG B 170 14.22 13.63 -6.93
CA ARG B 170 15.01 14.48 -7.86
C ARG B 170 16.23 13.71 -8.35
N ARG B 171 16.98 13.15 -7.40
CA ARG B 171 18.18 12.37 -7.72
C ARG B 171 17.86 11.13 -8.55
N ALA B 172 16.74 10.46 -8.24
CA ALA B 172 16.29 9.27 -9.00
C ALA B 172 15.98 9.58 -10.45
N ILE B 173 15.28 10.67 -10.69
CA ILE B 173 14.95 11.04 -12.07
C ILE B 173 16.21 11.52 -12.83
N GLN B 174 17.03 12.32 -12.15
CA GLN B 174 18.24 12.82 -12.78
C GLN B 174 19.12 11.67 -13.28
N SER B 175 19.40 10.74 -12.36
CA SER B 175 20.33 9.65 -12.60
C SER B 175 19.78 8.63 -13.59
N TYR B 176 18.54 8.83 -14.03
CA TYR B 176 17.91 7.89 -14.95
C TYR B 176 18.62 7.92 -16.29
N PRO B 177 19.31 6.82 -16.64
CA PRO B 177 20.23 6.84 -17.78
C PRO B 177 19.58 6.98 -19.17
N ARG B 178 18.74 8.01 -19.35
CA ARG B 178 18.11 8.30 -20.65
C ARG B 178 18.06 9.81 -20.89
N ASP B 179 18.20 10.21 -22.15
CA ASP B 179 18.12 11.62 -22.53
C ASP B 179 16.64 11.96 -22.75
N ILE B 180 15.89 12.11 -21.66
CA ILE B 180 14.48 12.50 -21.74
C ILE B 180 14.20 13.73 -20.87
N LYS B 181 13.08 14.39 -21.15
CA LYS B 181 12.68 15.56 -20.39
C LYS B 181 11.52 15.20 -19.47
N VAL B 182 11.64 15.57 -18.20
CA VAL B 182 10.63 15.14 -17.24
C VAL B 182 10.12 16.36 -16.51
N ALA B 183 8.80 16.49 -16.45
CA ALA B 183 8.18 17.52 -15.62
C ALA B 183 7.52 16.89 -14.38
N ILE B 184 7.59 17.58 -13.25
CA ILE B 184 6.98 17.14 -11.99
C ILE B 184 5.71 17.91 -11.62
N ALA B 185 4.65 17.16 -11.35
CA ALA B 185 3.37 17.75 -10.99
C ALA B 185 3.00 17.43 -9.54
N GLY B 186 2.68 18.46 -8.78
CA GLY B 186 2.15 18.29 -7.42
C GLY B 186 0.78 18.91 -7.40
N THR B 187 -0.24 18.17 -6.98
CA THR B 187 -1.62 18.58 -7.18
C THR B 187 -2.46 18.44 -5.90
N GLY B 188 -3.69 18.96 -5.92
CA GLY B 188 -4.49 19.09 -4.70
C GLY B 188 -4.44 20.49 -4.18
N GLY B 189 -5.18 20.78 -3.12
CA GLY B 189 -5.21 22.13 -2.53
C GLY B 189 -5.96 23.18 -3.34
N LEU B 190 -5.92 24.44 -2.90
CA LEU B 190 -5.30 24.82 -1.64
C LEU B 190 -6.28 24.75 -0.47
N SER B 191 -6.56 25.86 0.21
CA SER B 191 -7.47 25.78 1.36
C SER B 191 -8.86 25.28 0.96
N HIS B 192 -9.36 24.31 1.71
CA HIS B 192 -10.76 23.88 1.66
C HIS B 192 -11.04 22.94 2.79
N GLN B 193 -12.30 22.93 3.24
CA GLN B 193 -12.79 21.87 4.11
C GLN B 193 -14.20 21.46 3.63
N VAL B 194 -14.35 20.17 3.30
CA VAL B 194 -15.58 19.68 2.67
C VAL B 194 -16.41 18.78 3.58
N HIS B 195 -15.99 18.63 4.83
CA HIS B 195 -16.78 17.88 5.80
C HIS B 195 -16.99 18.64 7.11
N GLY B 196 -17.98 18.18 7.89
CA GLY B 196 -18.23 18.70 9.21
C GLY B 196 -18.89 20.06 9.23
N GLU B 197 -19.14 20.58 10.44
CA GLU B 197 -19.84 21.84 10.57
C GLU B 197 -18.91 22.97 10.13
N ARG B 198 -17.62 22.68 10.02
CA ARG B 198 -16.65 23.68 9.50
C ARG B 198 -16.54 23.70 7.96
N ALA B 199 -17.30 22.85 7.27
CA ALA B 199 -17.30 22.81 5.80
C ALA B 199 -17.51 24.19 5.19
N GLY B 200 -16.65 24.53 4.24
CA GLY B 200 -16.69 25.79 3.52
C GLY B 200 -15.58 26.76 3.93
N PHE B 201 -14.75 26.35 4.89
CA PHE B 201 -13.58 27.12 5.35
C PHE B 201 -12.56 27.30 4.24
N ASN B 202 -12.08 28.53 4.10
CA ASN B 202 -10.90 28.83 3.29
C ASN B 202 -10.06 29.86 4.00
N ASN B 203 -8.82 30.00 3.58
CA ASN B 203 -7.99 31.03 4.18
C ASN B 203 -7.00 31.55 3.14
N THR B 204 -7.43 32.58 2.41
CA THR B 204 -6.71 33.09 1.27
C THR B 204 -5.34 33.61 1.68
N GLU B 205 -5.27 34.28 2.83
CA GLU B 205 -4.01 34.79 3.39
C GLU B 205 -2.99 33.66 3.50
N TRP B 206 -3.38 32.57 4.17
CA TRP B 206 -2.55 31.38 4.24
C TRP B 206 -2.21 30.82 2.85
N ASP B 207 -3.18 30.71 1.95
CA ASP B 207 -2.91 30.17 0.61
C ASP B 207 -1.81 30.94 -0.10
N MET B 208 -1.89 32.27 -0.01
CA MET B 208 -0.91 33.12 -0.67
C MET B 208 0.41 33.00 0.07
N GLU B 209 0.35 32.95 1.40
CA GLU B 209 1.60 32.80 2.18
C GLU B 209 2.25 31.44 1.91
N PHE B 210 1.43 30.39 1.88
CA PHE B 210 1.92 29.05 1.63
C PHE B 210 2.61 29.03 0.28
N MET B 211 1.99 29.67 -0.71
CA MET B 211 2.51 29.59 -2.06
C MET B 211 3.87 30.30 -2.20
N GLU B 212 3.98 31.47 -1.55
CA GLU B 212 5.20 32.28 -1.58
C GLU B 212 6.33 31.52 -0.88
N ARG B 213 6.00 30.96 0.28
CA ARG B 213 6.95 30.18 1.08
C ARG B 213 7.35 28.90 0.35
N LEU B 214 6.43 28.27 -0.40
CA LEU B 214 6.77 27.09 -1.23
C LEU B 214 7.76 27.42 -2.35
N ALA B 215 7.52 28.54 -3.04
CA ALA B 215 8.42 28.96 -4.12
C ALA B 215 9.82 29.35 -3.64
N ASN B 216 9.91 30.16 -2.60
CA ASN B 216 11.17 30.85 -2.27
C ASN B 216 11.91 30.38 -1.03
N ASP B 217 11.19 29.67 -0.14
CA ASP B 217 11.76 29.24 1.13
C ASP B 217 11.01 28.00 1.65
N PRO B 218 11.00 26.91 0.85
CA PRO B 218 10.16 25.78 1.22
C PRO B 218 10.59 25.07 2.50
N GLU B 219 11.86 25.20 2.89
CA GLU B 219 12.33 24.57 4.13
C GLU B 219 11.69 25.19 5.37
N SER B 220 11.26 26.46 5.28
CA SER B 220 10.49 27.09 6.35
C SER B 220 9.16 26.39 6.64
N LEU B 221 8.68 25.54 5.72
CA LEU B 221 7.39 24.85 5.94
C LEU B 221 7.50 23.48 6.59
N LEU B 222 8.72 22.97 6.72
CA LEU B 222 8.95 21.55 6.99
C LEU B 222 8.60 21.10 8.40
N GLY B 223 8.33 22.06 9.28
CA GLY B 223 7.93 21.75 10.66
C GLY B 223 6.43 21.87 10.92
N ALA B 224 5.67 22.18 9.88
CA ALA B 224 4.21 22.26 9.98
C ALA B 224 3.60 20.88 10.30
N THR B 225 2.82 20.81 11.37
CA THR B 225 2.08 19.60 11.76
C THR B 225 0.75 19.52 10.98
N VAL B 226 0.11 18.35 10.98
CA VAL B 226 -1.24 18.22 10.40
C VAL B 226 -2.20 19.20 11.07
N THR B 227 -2.14 19.30 12.40
CA THR B 227 -2.96 20.30 13.07
C THR B 227 -2.71 21.68 12.49
N ASP B 228 -1.44 22.05 12.26
CA ASP B 228 -1.12 23.41 11.77
C ASP B 228 -1.79 23.65 10.41
N LEU B 229 -1.61 22.67 9.52
CA LEU B 229 -2.06 22.76 8.14
C LEU B 229 -3.58 22.77 8.01
N ALA B 230 -4.25 21.97 8.84
CA ALA B 230 -5.72 21.89 8.87
C ALA B 230 -6.37 23.11 9.52
N LYS B 231 -5.69 23.67 10.52
CA LYS B 231 -6.12 24.89 11.19
C LYS B 231 -6.08 26.02 10.17
N LYS B 232 -4.93 26.22 9.55
CA LYS B 232 -4.75 27.28 8.57
C LYS B 232 -5.47 27.03 7.25
N GLY B 233 -5.53 25.79 6.79
CA GLY B 233 -6.05 25.52 5.44
C GLY B 233 -7.28 24.66 5.29
N GLY B 234 -7.89 24.29 6.40
CA GLY B 234 -9.04 23.38 6.36
C GLY B 234 -8.56 21.95 6.39
N TRP B 235 -9.41 21.03 6.87
CA TRP B 235 -8.97 19.63 7.02
C TRP B 235 -8.42 19.02 5.69
N GLU B 236 -9.20 19.13 4.62
CA GLU B 236 -8.76 18.54 3.32
C GLU B 236 -7.64 19.40 2.66
N GLY B 237 -7.64 20.70 2.94
CA GLY B 237 -6.56 21.60 2.48
C GLY B 237 -5.17 21.18 2.90
N ALA B 238 -5.09 20.35 3.94
CA ALA B 238 -3.82 19.80 4.42
C ALA B 238 -3.07 18.94 3.41
N GLU B 239 -3.78 18.43 2.39
CA GLU B 239 -3.18 17.63 1.30
C GLU B 239 -2.04 18.36 0.56
N VAL B 240 -1.87 19.64 0.87
CA VAL B 240 -0.80 20.43 0.22
C VAL B 240 0.62 19.96 0.54
N VAL B 241 0.76 18.93 1.38
CA VAL B 241 2.07 18.33 1.62
C VAL B 241 2.58 17.72 0.32
N MET B 242 1.63 17.35 -0.54
CA MET B 242 1.94 16.87 -1.87
C MET B 242 2.64 17.94 -2.73
N TRP B 243 2.27 19.21 -2.57
CA TRP B 243 2.96 20.30 -3.28
C TRP B 243 4.42 20.38 -2.80
N LEU B 244 4.61 20.17 -1.50
CA LEU B 244 5.95 20.07 -0.91
C LEU B 244 6.81 18.99 -1.54
N LEU B 245 6.21 17.83 -1.80
CA LEU B 245 6.97 16.70 -2.33
C LEU B 245 7.49 17.11 -3.69
N MET B 246 6.60 17.65 -4.51
CA MET B 246 6.94 18.15 -5.85
C MET B 246 8.08 19.17 -5.76
N ARG B 247 7.90 20.14 -4.87
CA ARG B 247 8.82 21.23 -4.71
C ARG B 247 10.19 20.78 -4.23
N GLY B 248 10.21 19.74 -3.40
CA GLY B 248 11.45 19.08 -2.98
C GLY B 248 12.23 18.43 -4.11
N ALA B 249 11.52 18.07 -5.18
CA ALA B 249 12.08 17.42 -6.36
C ALA B 249 12.73 18.38 -7.36
N LEU B 250 12.54 19.68 -7.14
CA LEU B 250 12.99 20.71 -8.08
C LEU B 250 14.28 21.28 -7.52
N SER B 251 14.96 22.14 -8.29
CA SER B 251 16.11 22.89 -7.79
C SER B 251 15.80 23.65 -6.50
N PRO B 252 16.79 23.77 -5.59
CA PRO B 252 16.57 24.56 -4.36
C PRO B 252 16.07 25.96 -4.67
N GLU B 253 16.63 26.56 -5.73
CA GLU B 253 16.12 27.81 -6.30
C GLU B 253 15.33 27.49 -7.56
N VAL B 254 14.12 28.06 -7.64
CA VAL B 254 13.34 28.00 -8.86
C VAL B 254 12.96 29.41 -9.35
N LYS B 255 12.46 29.46 -10.58
CA LYS B 255 11.88 30.67 -11.17
C LYS B 255 10.39 30.41 -11.28
N THR B 256 9.61 31.14 -10.48
CA THR B 256 8.16 31.07 -10.55
C THR B 256 7.67 31.86 -11.76
N LEU B 257 7.45 31.14 -12.86
CA LEU B 257 6.96 31.72 -14.10
C LEU B 257 5.54 32.18 -13.99
N HIS B 258 4.73 31.49 -13.18
CA HIS B 258 3.30 31.78 -13.08
C HIS B 258 2.73 31.45 -11.70
N GLN B 259 1.84 32.32 -11.23
CA GLN B 259 0.95 31.99 -10.11
C GLN B 259 -0.43 32.58 -10.36
N SER B 260 -1.47 31.75 -10.27
CA SER B 260 -2.81 32.29 -10.24
C SER B 260 -3.61 31.70 -9.10
N TYR B 261 -4.77 32.30 -8.85
CA TYR B 261 -5.58 31.95 -7.68
C TYR B 261 -7.02 32.40 -7.90
N PHE B 262 -7.98 31.50 -7.66
CA PHE B 262 -9.40 31.83 -7.71
C PHE B 262 -10.18 31.00 -6.72
N LEU B 263 -11.21 31.61 -6.13
CA LEU B 263 -12.05 30.94 -5.13
C LEU B 263 -13.55 31.07 -5.42
N PRO B 264 -14.04 30.36 -6.46
CA PRO B 264 -15.44 30.52 -6.79
C PRO B 264 -16.33 29.80 -5.80
N SER B 265 -15.88 28.66 -5.29
CA SER B 265 -16.76 27.81 -4.50
C SER B 265 -16.13 27.26 -3.22
N MET B 266 -15.90 25.94 -3.14
CA MET B 266 -15.35 25.35 -1.92
C MET B 266 -13.82 25.43 -1.79
N THR B 267 -13.11 25.38 -2.91
CA THR B 267 -11.67 25.18 -2.91
C THR B 267 -10.92 26.34 -3.53
N ALA B 268 -9.76 26.68 -2.98
CA ALA B 268 -8.94 27.68 -3.60
C ALA B 268 -8.29 27.05 -4.83
N ILE B 269 -8.71 27.50 -6.01
CA ILE B 269 -8.16 26.98 -7.24
C ILE B 269 -6.93 27.76 -7.64
N ALA B 270 -5.79 27.10 -7.46
CA ALA B 270 -4.49 27.74 -7.52
C ALA B 270 -3.56 26.97 -8.44
N THR B 271 -2.67 27.70 -9.11
CA THR B 271 -1.66 27.10 -9.98
C THR B 271 -0.35 27.87 -9.82
N MET B 272 0.74 27.13 -9.95
CA MET B 272 2.07 27.69 -9.89
C MET B 272 2.80 26.97 -11.00
N LEU B 273 3.73 27.68 -11.63
CA LEU B 273 4.63 27.08 -12.61
C LEU B 273 6.04 27.44 -12.21
N PHE B 274 6.87 26.42 -11.97
CA PHE B 274 8.25 26.59 -11.53
C PHE B 274 9.22 26.07 -12.58
N GLU B 275 10.16 26.91 -12.99
CA GLU B 275 11.22 26.53 -13.93
C GLU B 275 12.43 26.00 -13.17
N ASP B 276 12.86 24.80 -13.49
CA ASP B 276 14.02 24.25 -12.80
C ASP B 276 15.24 25.07 -13.18
N GLN B 277 16.12 25.34 -12.22
CA GLN B 277 17.37 26.08 -12.45
C GLN B 277 18.62 25.18 -12.46
N GLY B 278 18.42 23.86 -12.58
CA GLY B 278 19.52 22.89 -12.56
C GLY B 278 20.27 22.83 -11.23
N ASP B 279 21.48 22.27 -11.27
CA ASP B 279 22.28 22.16 -10.06
C ASP B 279 23.40 23.18 -10.01
N ALA B 280 23.33 24.06 -9.02
CA ALA B 280 24.35 25.07 -8.76
C ALA B 280 25.75 24.45 -8.57
N ALA B 281 25.87 23.52 -7.62
CA ALA B 281 27.10 22.76 -7.39
C ALA B 281 26.91 21.33 -7.89
N PRO B 282 27.99 20.52 -7.95
CA PRO B 282 27.79 19.09 -8.23
C PRO B 282 26.97 18.40 -7.11
N PRO B 283 26.23 17.31 -7.45
CA PRO B 283 25.41 16.64 -6.43
C PRO B 283 26.25 15.90 -5.38
N ALA B 284 25.65 15.70 -4.20
CA ALA B 284 26.29 15.03 -3.06
C ALA B 284 26.87 13.67 -3.44
N GLU B 285 26.11 12.92 -4.23
CA GLU B 285 26.51 11.61 -4.72
C GLU B 285 26.31 11.66 -6.22
N SER B 286 27.28 11.15 -6.97
CA SER B 286 27.30 11.28 -8.44
C SER B 286 26.23 10.41 -9.09
N ASP B 287 25.91 10.73 -10.35
CA ASP B 287 24.91 10.00 -11.09
C ASP B 287 25.28 8.54 -11.29
N GLU B 288 26.58 8.26 -11.50
CA GLU B 288 27.03 6.87 -11.70
C GLU B 288 26.98 6.08 -10.39
N ALA B 289 27.41 6.68 -9.29
CA ALA B 289 27.33 6.05 -7.98
C ALA B 289 25.88 5.67 -7.64
N LEU B 290 24.96 6.64 -7.73
CA LEU B 290 23.55 6.43 -7.39
C LEU B 290 22.94 5.29 -8.19
N ARG B 291 23.29 5.21 -9.48
CA ARG B 291 22.85 4.10 -10.30
C ARG B 291 23.35 2.75 -9.75
N ALA B 292 24.57 2.75 -9.23
CA ALA B 292 25.16 1.52 -8.66
C ALA B 292 24.62 1.23 -7.26
N ARG B 293 24.32 2.26 -6.47
CA ARG B 293 23.68 2.04 -5.17
C ARG B 293 22.25 1.44 -5.35
N ALA B 294 21.54 1.91 -6.37
CA ALA B 294 20.21 1.37 -6.71
C ALA B 294 20.24 -0.09 -7.12
N LYS B 295 21.23 -0.46 -7.94
CA LYS B 295 21.28 -1.81 -8.55
C LYS B 295 21.89 -2.86 -7.64
N ARG B 296 22.39 -2.41 -6.50
CA ARG B 296 23.17 -3.20 -5.57
C ARG B 296 22.44 -4.42 -5.03
N GLU B 297 21.30 -4.19 -4.37
CA GLU B 297 20.48 -5.25 -3.80
C GLU B 297 20.39 -6.46 -4.72
N LEU B 298 20.18 -6.23 -6.02
CA LEU B 298 20.13 -7.33 -7.01
C LEU B 298 21.37 -7.46 -7.91
N ALA B 299 22.48 -6.81 -7.57
CA ALA B 299 23.72 -6.96 -8.33
C ALA B 299 24.22 -8.39 -8.20
N GLY B 300 24.29 -9.13 -9.30
CA GLY B 300 24.84 -10.48 -9.29
C GLY B 300 23.81 -11.58 -9.43
N VAL B 301 22.53 -11.17 -9.47
CA VAL B 301 21.40 -12.09 -9.55
C VAL B 301 21.34 -12.83 -10.89
N GLU B 302 21.97 -12.24 -11.90
CA GLU B 302 22.06 -12.83 -13.24
C GLU B 302 22.92 -14.12 -13.24
N GLU B 303 23.76 -14.27 -12.21
CA GLU B 303 24.55 -15.49 -12.02
C GLU B 303 23.69 -16.68 -11.60
N ILE B 304 22.62 -16.39 -10.87
CA ILE B 304 21.78 -17.43 -10.30
C ILE B 304 20.89 -18.00 -11.39
N GLU B 305 21.20 -19.22 -11.81
CA GLU B 305 20.52 -19.74 -12.96
C GLU B 305 19.25 -20.40 -12.46
N GLY B 306 18.38 -20.82 -13.39
CA GLY B 306 17.07 -21.38 -13.06
C GLY B 306 16.24 -20.48 -12.14
N THR B 307 16.49 -19.18 -12.22
CA THR B 307 15.95 -18.17 -11.31
C THR B 307 15.52 -16.92 -12.08
N TYR B 308 14.31 -16.44 -11.79
CA TYR B 308 13.66 -15.40 -12.58
C TYR B 308 12.99 -14.39 -11.66
N PRO B 309 13.78 -13.45 -11.14
CA PRO B 309 13.37 -12.49 -10.12
C PRO B 309 12.14 -11.67 -10.55
N PHE B 310 11.14 -11.58 -9.66
CA PHE B 310 9.90 -10.81 -9.95
C PHE B 310 10.12 -9.32 -9.71
N THR B 311 10.79 -8.70 -10.68
CA THR B 311 11.09 -7.27 -10.65
C THR B 311 9.91 -6.51 -11.24
N ILE B 312 9.91 -5.20 -11.09
CA ILE B 312 8.81 -4.39 -11.62
C ILE B 312 8.62 -4.58 -13.12
N ASP B 313 9.72 -4.63 -13.88
CA ASP B 313 9.63 -4.93 -15.32
C ASP B 313 8.92 -6.23 -15.61
N ARG B 314 9.20 -7.24 -14.79
CA ARG B 314 8.57 -8.56 -14.95
C ARG B 314 7.10 -8.57 -14.52
N ALA B 315 6.78 -7.85 -13.45
CA ALA B 315 5.38 -7.75 -13.02
C ALA B 315 4.53 -7.01 -14.05
N VAL B 316 5.15 -6.05 -14.73
CA VAL B 316 4.44 -5.32 -15.79
C VAL B 316 4.19 -6.25 -16.99
N LYS B 317 5.25 -6.92 -17.43
CA LYS B 317 5.14 -7.88 -18.53
C LYS B 317 4.06 -8.94 -18.22
N GLY B 318 4.14 -9.57 -17.05
CA GLY B 318 3.21 -10.65 -16.74
C GLY B 318 1.85 -10.20 -16.19
N PHE B 319 1.56 -8.91 -16.21
CA PHE B 319 0.35 -8.40 -15.48
C PHE B 319 -1.00 -8.98 -15.91
N ARG B 320 -1.32 -8.99 -17.22
CA ARG B 320 -2.62 -9.55 -17.68
C ARG B 320 -2.83 -11.01 -17.27
N ILE B 321 -1.79 -11.83 -17.41
CA ILE B 321 -1.91 -13.28 -17.11
C ILE B 321 -1.85 -13.53 -15.61
N ASN B 322 -0.96 -12.84 -14.90
CA ASN B 322 -1.00 -12.85 -13.44
C ASN B 322 -2.38 -12.43 -12.87
N HIS B 323 -2.91 -11.34 -13.39
CA HIS B 323 -4.23 -10.83 -12.96
C HIS B 323 -5.33 -11.81 -13.31
N PHE B 324 -5.21 -12.47 -14.45
CA PHE B 324 -6.15 -13.50 -14.84
C PHE B 324 -6.16 -14.70 -13.88
N LEU B 325 -4.98 -15.23 -13.58
CA LEU B 325 -4.90 -16.40 -12.69
C LEU B 325 -5.13 -16.03 -11.23
N HIS B 326 -4.82 -14.80 -10.84
CA HIS B 326 -5.26 -14.33 -9.51
C HIS B 326 -6.76 -14.52 -9.28
N ARG B 327 -7.55 -14.37 -10.33
CA ARG B 327 -9.00 -14.42 -10.22
C ARG B 327 -9.50 -15.80 -9.81
N LEU B 328 -8.60 -16.79 -9.88
CA LEU B 328 -8.94 -18.14 -9.39
C LEU B 328 -9.33 -18.19 -7.91
N ILE B 329 -8.96 -17.15 -7.15
CA ILE B 329 -9.44 -17.02 -5.74
C ILE B 329 -10.95 -16.79 -5.64
N GLU B 330 -11.57 -16.42 -6.75
CA GLU B 330 -13.02 -16.21 -6.78
C GLU B 330 -13.69 -17.55 -7.09
N PRO B 331 -14.71 -17.95 -6.31
CA PRO B 331 -15.29 -19.28 -6.55
C PRO B 331 -15.93 -19.43 -7.94
N ASP B 332 -16.58 -18.37 -8.42
CA ASP B 332 -17.24 -18.41 -9.72
C ASP B 332 -16.23 -18.51 -10.87
N PHE B 333 -15.15 -17.72 -10.78
CA PHE B 333 -14.15 -17.67 -11.84
C PHE B 333 -13.45 -19.02 -11.96
N ARG B 334 -13.16 -19.65 -10.83
CA ARG B 334 -12.41 -20.92 -10.82
C ARG B 334 -13.23 -22.12 -11.32
N LYS B 335 -14.54 -22.09 -11.07
CA LYS B 335 -15.45 -23.09 -11.62
C LYS B 335 -15.43 -22.99 -13.14
N ARG B 336 -15.67 -21.80 -13.68
CA ARG B 336 -15.62 -21.57 -15.12
C ARG B 336 -14.30 -22.01 -15.75
N PHE B 337 -13.19 -21.75 -15.05
CA PHE B 337 -11.86 -22.10 -15.55
C PHE B 337 -11.73 -23.61 -15.81
N VAL B 338 -12.29 -24.42 -14.90
CA VAL B 338 -12.21 -25.87 -15.02
C VAL B 338 -13.22 -26.35 -16.06
N GLU B 339 -14.42 -25.77 -16.03
CA GLU B 339 -15.54 -26.17 -16.90
C GLU B 339 -15.58 -25.55 -18.30
N ASP B 340 -15.01 -24.36 -18.47
CA ASP B 340 -15.15 -23.59 -19.70
C ASP B 340 -13.95 -22.67 -19.95
N PRO B 341 -12.72 -23.21 -19.87
CA PRO B 341 -11.52 -22.38 -20.07
C PRO B 341 -11.55 -21.54 -21.37
N GLU B 342 -11.96 -22.17 -22.48
CA GLU B 342 -11.89 -21.52 -23.80
C GLU B 342 -12.86 -20.32 -23.90
N GLY B 343 -14.08 -20.48 -23.38
CA GLY B 343 -15.05 -19.38 -23.24
C GLY B 343 -14.54 -18.26 -22.35
N LEU B 344 -13.83 -18.61 -21.27
CA LEU B 344 -13.21 -17.62 -20.40
C LEU B 344 -12.05 -16.89 -21.09
N PHE B 345 -11.28 -17.62 -21.92
CA PHE B 345 -10.15 -17.06 -22.71
C PHE B 345 -10.58 -15.98 -23.73
N ALA B 346 -11.66 -16.26 -24.46
CA ALA B 346 -12.20 -15.34 -25.46
C ALA B 346 -12.72 -14.04 -24.83
N GLU B 347 -13.30 -14.17 -23.63
CA GLU B 347 -13.85 -13.01 -22.90
C GLU B 347 -12.84 -12.24 -22.07
N SER B 348 -11.60 -12.72 -22.09
CA SER B 348 -10.47 -12.11 -21.39
C SER B 348 -9.75 -11.16 -22.33
N ASP B 349 -8.71 -10.49 -21.83
CA ASP B 349 -7.85 -9.68 -22.68
C ASP B 349 -6.46 -10.32 -22.86
N LEU B 350 -6.35 -11.62 -22.58
CA LEU B 350 -5.11 -12.36 -22.77
C LEU B 350 -4.68 -12.39 -24.25
N THR B 351 -3.37 -12.29 -24.48
CA THR B 351 -2.79 -12.58 -25.81
C THR B 351 -2.84 -14.09 -26.07
N GLU B 352 -2.77 -14.47 -27.35
CA GLU B 352 -2.72 -15.87 -27.73
C GLU B 352 -1.56 -16.62 -27.10
N GLU B 353 -0.38 -15.99 -27.09
CA GLU B 353 0.77 -16.45 -26.32
C GLU B 353 0.38 -16.82 -24.87
N GLU B 354 -0.45 -15.98 -24.24
CA GLU B 354 -0.87 -16.17 -22.84
C GLU B 354 -1.84 -17.31 -22.60
N LYS B 355 -2.90 -17.39 -23.40
CA LYS B 355 -3.85 -18.50 -23.28
C LYS B 355 -3.16 -19.84 -23.57
N SER B 356 -2.21 -19.85 -24.50
CA SER B 356 -1.53 -21.07 -24.93
C SER B 356 -0.67 -21.58 -23.79
N LEU B 357 -0.02 -20.67 -23.07
CA LEU B 357 0.77 -21.03 -21.90
C LEU B 357 -0.08 -21.69 -20.83
N ILE B 358 -1.28 -21.17 -20.62
CA ILE B 358 -2.19 -21.72 -19.62
C ILE B 358 -2.80 -23.01 -20.13
N ARG B 359 -3.29 -22.95 -21.36
CA ARG B 359 -3.94 -24.08 -22.04
C ARG B 359 -3.06 -25.33 -22.03
N ASN B 360 -1.75 -25.15 -22.23
CA ASN B 360 -0.82 -26.29 -22.27
C ASN B 360 -0.19 -26.64 -20.91
N ARG B 361 -0.55 -25.84 -19.89
CA ARG B 361 0.01 -25.94 -18.54
C ARG B 361 1.54 -25.87 -18.68
N ASP B 362 1.98 -24.88 -19.44
CA ASP B 362 3.40 -24.76 -19.69
C ASP B 362 4.11 -24.07 -18.50
N TRP B 363 4.30 -24.86 -17.44
CA TRP B 363 4.74 -24.33 -16.15
C TRP B 363 6.00 -23.52 -16.29
N ILE B 364 7.04 -24.11 -16.87
CA ILE B 364 8.31 -23.38 -16.97
C ILE B 364 8.20 -22.17 -17.91
N GLY B 365 7.43 -22.35 -18.98
CA GLY B 365 7.21 -21.30 -19.96
C GLY B 365 6.58 -20.11 -19.26
N MET B 366 5.63 -20.39 -18.36
CA MET B 366 4.98 -19.33 -17.62
C MET B 366 5.97 -18.61 -16.75
N ILE B 367 6.85 -19.35 -16.09
CA ILE B 367 7.86 -18.71 -15.27
C ILE B 367 8.83 -17.84 -16.09
N HIS B 368 9.24 -18.35 -17.26
CA HIS B 368 10.01 -17.57 -18.21
C HIS B 368 9.26 -16.31 -18.63
N TYR B 369 7.98 -16.47 -18.96
CA TYR B 369 7.15 -15.38 -19.41
C TYR B 369 7.00 -14.25 -18.38
N GLY B 370 6.84 -14.60 -17.11
CA GLY B 370 6.69 -13.61 -16.05
C GLY B 370 5.43 -13.81 -15.21
N VAL B 371 4.84 -15.00 -15.28
CA VAL B 371 3.81 -15.42 -14.32
C VAL B 371 4.56 -15.69 -13.02
N ILE B 372 4.10 -15.10 -11.91
CA ILE B 372 4.72 -15.37 -10.61
C ILE B 372 4.29 -16.75 -10.13
N PHE B 373 5.17 -17.48 -9.44
CA PHE B 373 4.85 -18.86 -9.02
C PHE B 373 3.55 -18.98 -8.22
N PHE B 374 3.26 -18.02 -7.35
CA PHE B 374 2.04 -18.13 -6.50
C PHE B 374 0.73 -18.11 -7.29
N MET B 375 0.79 -17.63 -8.52
CA MET B 375 -0.33 -17.75 -9.46
C MET B 375 -0.43 -19.12 -10.12
N LEU B 376 0.70 -19.78 -10.38
CA LEU B 376 0.69 -21.15 -10.92
C LEU B 376 0.28 -22.10 -9.84
N GLU B 377 0.78 -21.86 -8.64
CA GLU B 377 0.33 -22.58 -7.44
C GLU B 377 -1.20 -22.65 -7.40
N LYS B 378 -1.85 -21.50 -7.53
CA LYS B 378 -3.30 -21.42 -7.61
C LYS B 378 -3.87 -22.27 -8.74
N MET B 379 -3.27 -22.14 -9.92
CA MET B 379 -3.76 -22.83 -11.10
C MET B 379 -3.71 -24.34 -10.86
N ALA B 380 -2.53 -24.83 -10.47
CA ALA B 380 -2.32 -26.25 -10.16
C ALA B 380 -3.37 -26.73 -9.15
N ALA B 381 -3.50 -26.03 -8.02
CA ALA B 381 -4.48 -26.39 -7.01
C ALA B 381 -5.89 -26.56 -7.59
N VAL B 382 -6.36 -25.59 -8.38
CA VAL B 382 -7.71 -25.68 -8.94
C VAL B 382 -7.85 -26.84 -9.92
N LEU B 383 -6.82 -27.06 -10.73
CA LEU B 383 -6.81 -28.18 -11.68
C LEU B 383 -6.63 -29.54 -11.01
N GLY B 384 -6.17 -29.54 -9.76
CA GLY B 384 -5.99 -30.77 -8.99
C GLY B 384 -4.67 -31.45 -9.27
N ILE B 385 -3.64 -30.65 -9.53
CA ILE B 385 -2.28 -31.13 -9.81
C ILE B 385 -1.37 -30.65 -8.69
N GLY B 386 -0.68 -31.58 -8.03
CA GLY B 386 0.20 -31.24 -6.90
C GLY B 386 1.42 -30.41 -7.31
N ASN B 387 1.92 -29.60 -6.39
CA ASN B 387 3.12 -28.80 -6.67
C ASN B 387 4.30 -29.60 -7.19
N ILE B 388 4.32 -30.89 -6.87
CA ILE B 388 5.46 -31.76 -7.21
C ILE B 388 5.62 -31.93 -8.71
N ASP B 389 4.51 -32.11 -9.42
CA ASP B 389 4.52 -32.19 -10.88
C ASP B 389 4.97 -30.87 -11.48
N VAL B 390 4.57 -29.79 -10.82
CA VAL B 390 4.99 -28.46 -11.22
C VAL B 390 6.50 -28.36 -11.07
N TYR B 391 6.98 -28.55 -9.84
CA TYR B 391 8.42 -28.50 -9.55
C TYR B 391 9.23 -29.47 -10.43
N ALA B 392 8.68 -30.64 -10.74
CA ALA B 392 9.35 -31.60 -11.60
C ALA B 392 9.48 -31.00 -12.99
N ALA B 393 8.37 -30.51 -13.53
CA ALA B 393 8.37 -29.82 -14.82
C ALA B 393 9.42 -28.70 -14.89
N PHE B 394 9.44 -27.82 -13.87
CA PHE B 394 10.47 -26.79 -13.72
C PHE B 394 11.88 -27.36 -13.89
N ARG B 395 12.15 -28.41 -13.12
CA ARG B 395 13.47 -29.05 -13.07
C ARG B 395 13.74 -29.91 -14.29
N GLY B 396 12.72 -30.03 -15.15
CA GLY B 396 12.79 -30.87 -16.33
C GLY B 396 13.12 -32.28 -15.86
N LEU B 397 12.26 -32.83 -15.00
CA LEU B 397 12.43 -34.18 -14.51
C LEU B 397 11.07 -34.84 -14.44
N SER B 398 11.05 -36.16 -14.53
CA SER B 398 9.83 -36.90 -14.22
C SER B 398 9.60 -36.74 -12.70
N VAL B 399 8.33 -36.72 -12.30
CA VAL B 399 7.97 -36.68 -10.89
C VAL B 399 8.82 -37.67 -10.06
N PRO B 400 8.82 -38.98 -10.43
CA PRO B 400 9.65 -39.95 -9.67
C PRO B 400 11.13 -39.56 -9.50
N GLU B 401 11.77 -39.12 -10.58
CA GLU B 401 13.17 -38.72 -10.56
C GLU B 401 13.43 -37.45 -9.73
N PHE B 402 12.47 -36.52 -9.74
CA PHE B 402 12.55 -35.35 -8.84
C PHE B 402 12.48 -35.78 -7.37
N GLN B 403 11.53 -36.67 -7.06
CA GLN B 403 11.32 -37.20 -5.70
C GLN B 403 12.61 -37.66 -5.01
N LYS B 404 13.51 -38.27 -5.79
CA LYS B 404 14.84 -38.71 -5.31
C LYS B 404 15.63 -37.66 -4.53
N THR B 405 15.53 -36.40 -4.96
CA THR B 405 16.40 -35.32 -4.47
C THR B 405 15.81 -34.55 -3.27
#